data_2LD5
#
_entry.id   2LD5
#
loop_
_entity.id
_entity.type
_entity.pdbx_description
1 polymer 'Homeobox protein Hox-A13'
2 polymer "DNA (5'-D(*CP*AP*AP*AP*TP*AP*AP*AP*AP*TP*C)-3')"
3 polymer "DNA (5'-D(P*GP*AP*TP*TP*TP*TP*AP*TP*TP*TP*G)-3')"
#
loop_
_entity_poly.entity_id
_entity_poly.type
_entity_poly.pdbx_seq_one_letter_code
_entity_poly.pdbx_strand_id
1 'polypeptide(L)' HMLEGRKKRVPYTKVQLKELEREYATNKFITKDKRRRISATTNLSERQVTIWFQNRRVKEKKVINKLKTTS A
2 'polydeoxyribonucleotide' (DC)(DA)(DA)(DA)(DT)(DA)(DA)(DA)(DA)(DT)(DC) B
3 'polydeoxyribonucleotide' (DG)(DA)(DT)(DT)(DT)(DT)(DA)(DT)(DT)(DT)(DG) C
#
loop_
_chem_comp.id
_chem_comp.type
_chem_comp.name
_chem_comp.formula
DA DNA linking 2'-DEOXYADENOSINE-5'-MONOPHOSPHATE 'C10 H14 N5 O6 P'
DC DNA linking 2'-DEOXYCYTIDINE-5'-MONOPHOSPHATE 'C9 H14 N3 O7 P'
DG DNA linking 2'-DEOXYGUANOSINE-5'-MONOPHOSPHATE 'C10 H14 N5 O7 P'
DT DNA linking THYMIDINE-5'-MONOPHOSPHATE 'C10 H15 N2 O8 P'
#
# COMPACT_ATOMS: atom_id res chain seq x y z
N GLY A 5 13.89 0.54 -14.01
CA GLY A 5 13.96 1.84 -13.30
C GLY A 5 12.70 2.68 -13.51
N ARG A 6 12.89 3.88 -14.05
CA ARG A 6 11.79 4.81 -14.33
C ARG A 6 10.99 5.12 -13.05
N LYS A 7 11.69 5.60 -12.03
CA LYS A 7 11.06 5.94 -10.78
C LYS A 7 11.85 7.03 -10.08
N LYS A 8 11.20 7.76 -9.17
CA LYS A 8 11.86 8.82 -8.45
C LYS A 8 12.23 8.36 -7.03
N ARG A 9 11.40 8.73 -6.05
CA ARG A 9 11.64 8.35 -4.66
C ARG A 9 11.54 6.84 -4.49
N VAL A 10 12.31 6.30 -3.55
CA VAL A 10 12.30 4.88 -3.28
C VAL A 10 11.32 4.54 -2.17
N PRO A 11 10.65 3.38 -2.28
CA PRO A 11 9.68 2.93 -1.28
C PRO A 11 10.35 2.09 -0.20
N TYR A 12 9.54 1.51 0.67
CA TYR A 12 10.03 0.66 1.75
C TYR A 12 10.35 -0.74 1.25
N THR A 13 9.78 -1.75 1.89
CA THR A 13 10.01 -3.12 1.49
C THR A 13 9.00 -3.58 0.45
N LYS A 14 9.47 -4.30 -0.56
CA LYS A 14 8.60 -4.80 -1.61
C LYS A 14 7.60 -5.81 -1.06
N VAL A 15 8.00 -6.50 0.01
CA VAL A 15 7.13 -7.48 0.64
C VAL A 15 5.96 -6.80 1.33
N GLN A 16 6.22 -5.62 1.88
CA GLN A 16 5.19 -4.84 2.55
C GLN A 16 4.16 -4.37 1.55
N LEU A 17 4.63 -3.76 0.48
CA LEU A 17 3.76 -3.26 -0.57
C LEU A 17 2.97 -4.39 -1.22
N LYS A 18 3.64 -5.52 -1.45
CA LYS A 18 3.01 -6.69 -2.05
C LYS A 18 1.84 -7.18 -1.21
N GLU A 19 2.10 -7.41 0.08
CA GLU A 19 1.07 -7.89 0.98
C GLU A 19 -0.02 -6.84 1.16
N LEU A 20 0.36 -5.56 1.08
CA LEU A 20 -0.58 -4.46 1.21
C LEU A 20 -1.59 -4.52 0.07
N GLU A 21 -1.08 -4.73 -1.14
CA GLU A 21 -1.93 -4.82 -2.32
C GLU A 21 -2.79 -6.08 -2.26
N ARG A 22 -2.23 -7.13 -1.67
CA ARG A 22 -2.92 -8.40 -1.53
C ARG A 22 -4.20 -8.25 -0.70
N GLU A 23 -4.04 -7.76 0.52
CA GLU A 23 -5.17 -7.57 1.42
C GLU A 23 -6.12 -6.51 0.87
N TYR A 24 -5.56 -5.50 0.23
CA TYR A 24 -6.35 -4.42 -0.36
C TYR A 24 -7.25 -4.96 -1.45
N ALA A 25 -6.72 -5.87 -2.26
CA ALA A 25 -7.49 -6.46 -3.36
C ALA A 25 -8.54 -7.44 -2.85
N THR A 26 -8.36 -7.92 -1.63
CA THR A 26 -9.32 -8.85 -1.04
C THR A 26 -10.66 -8.16 -0.81
N ASN A 27 -10.61 -6.86 -0.59
CA ASN A 27 -11.80 -6.05 -0.37
C ASN A 27 -11.48 -4.56 -0.53
N LYS A 28 -10.76 -4.03 0.44
CA LYS A 28 -10.35 -2.63 0.46
C LYS A 28 -9.64 -2.39 1.79
N PHE A 29 -10.28 -2.86 2.85
CA PHE A 29 -9.76 -2.72 4.18
C PHE A 29 -10.01 -4.03 4.92
N ILE A 30 -9.29 -4.25 6.00
CA ILE A 30 -9.44 -5.47 6.78
C ILE A 30 -9.55 -5.19 8.27
N THR A 31 -9.80 -6.24 9.04
CA THR A 31 -9.95 -6.12 10.48
C THR A 31 -8.58 -5.98 11.15
N LYS A 32 -8.58 -5.77 12.46
CA LYS A 32 -7.34 -5.61 13.21
C LYS A 32 -6.56 -6.91 13.24
N ASP A 33 -7.26 -8.04 13.28
CA ASP A 33 -6.61 -9.34 13.30
C ASP A 33 -5.81 -9.56 12.03
N LYS A 34 -6.31 -9.02 10.92
CA LYS A 34 -5.64 -9.14 9.64
C LYS A 34 -4.49 -8.15 9.54
N ARG A 35 -4.71 -6.92 10.00
CA ARG A 35 -3.67 -5.89 9.97
C ARG A 35 -2.49 -6.29 10.85
N ARG A 36 -2.78 -7.00 11.95
CA ARG A 36 -1.74 -7.46 12.86
C ARG A 36 -0.87 -8.49 12.18
N ARG A 37 -1.49 -9.31 11.32
CA ARG A 37 -0.77 -10.34 10.59
C ARG A 37 0.27 -9.68 9.70
N ILE A 38 -0.13 -8.62 9.01
CA ILE A 38 0.76 -7.88 8.14
C ILE A 38 1.82 -7.17 8.95
N SER A 39 1.40 -6.59 10.07
CA SER A 39 2.30 -5.85 10.96
C SER A 39 3.41 -6.74 11.47
N ALA A 40 3.06 -7.93 11.96
CA ALA A 40 4.05 -8.87 12.48
C ALA A 40 5.03 -9.32 11.41
N THR A 41 4.57 -9.36 10.18
CA THR A 41 5.41 -9.78 9.06
C THR A 41 6.32 -8.64 8.59
N THR A 42 5.81 -7.41 8.64
CA THR A 42 6.59 -6.25 8.20
C THR A 42 7.34 -5.59 9.34
N ASN A 43 7.16 -6.12 10.55
CA ASN A 43 7.81 -5.59 11.74
C ASN A 43 7.33 -4.18 12.05
N LEU A 44 6.11 -3.88 11.65
CA LEU A 44 5.53 -2.57 11.88
C LEU A 44 4.92 -2.45 13.26
N SER A 45 4.32 -1.30 13.54
CA SER A 45 3.72 -1.04 14.83
C SER A 45 2.19 -1.03 14.75
N GLU A 46 1.64 -1.74 13.75
CA GLU A 46 0.18 -1.82 13.54
C GLU A 46 -0.42 -0.52 13.03
N ARG A 47 -0.17 0.57 13.74
CA ARG A 47 -0.69 1.88 13.40
C ARG A 47 -0.33 2.27 11.97
N GLN A 48 0.95 2.16 11.62
CA GLN A 48 1.42 2.52 10.28
C GLN A 48 0.85 1.60 9.21
N VAL A 49 0.44 0.40 9.59
CA VAL A 49 -0.13 -0.56 8.65
C VAL A 49 -1.43 -0.02 8.08
N THR A 50 -2.21 0.61 8.94
CA THR A 50 -3.48 1.19 8.54
C THR A 50 -3.25 2.43 7.68
N ILE A 51 -2.14 3.13 7.95
CA ILE A 51 -1.77 4.32 7.21
C ILE A 51 -1.44 3.98 5.77
N TRP A 52 -0.66 2.90 5.59
CA TRP A 52 -0.27 2.46 4.25
C TRP A 52 -1.50 2.08 3.42
N PHE A 53 -2.53 1.59 4.08
CA PHE A 53 -3.76 1.22 3.39
C PHE A 53 -4.41 2.45 2.77
N GLN A 54 -4.45 3.53 3.53
CA GLN A 54 -5.01 4.78 3.06
C GLN A 54 -4.14 5.34 1.95
N ASN A 55 -2.83 5.18 2.11
CA ASN A 55 -1.85 5.63 1.14
C ASN A 55 -2.05 4.96 -0.21
N ARG A 56 -2.49 3.70 -0.18
CA ARG A 56 -2.72 2.95 -1.40
C ARG A 56 -3.84 3.56 -2.24
N ARG A 57 -4.77 4.24 -1.57
CA ARG A 57 -5.89 4.89 -2.23
C ARG A 57 -5.40 6.06 -3.09
N VAL A 58 -4.38 6.77 -2.61
CA VAL A 58 -3.84 7.90 -3.35
C VAL A 58 -2.82 7.41 -4.39
N LYS A 59 -2.31 6.21 -4.17
CA LYS A 59 -1.33 5.60 -5.08
C LYS A 59 -1.95 5.37 -6.45
N GLU A 60 -3.13 4.76 -6.46
CA GLU A 60 -3.84 4.49 -7.70
C GLU A 60 -4.25 5.78 -8.40
N LYS A 61 -4.55 6.80 -7.62
CA LYS A 61 -4.94 8.11 -8.16
C LYS A 61 -3.78 8.71 -8.94
N LYS A 62 -2.58 8.51 -8.40
CA LYS A 62 -1.36 9.02 -9.03
C LYS A 62 -1.12 8.34 -10.38
N VAL A 63 -1.43 7.06 -10.45
CA VAL A 63 -1.24 6.29 -11.69
C VAL A 63 -2.20 6.80 -12.78
N ILE A 64 -3.44 7.04 -12.41
CA ILE A 64 -4.44 7.52 -13.36
C ILE A 64 -4.07 8.91 -13.87
N ASN A 65 -3.47 9.70 -13.00
CA ASN A 65 -3.05 11.06 -13.34
C ASN A 65 -1.87 11.01 -14.32
N LYS A 66 -1.00 10.03 -14.15
CA LYS A 66 0.16 9.87 -15.02
C LYS A 66 -0.25 9.32 -16.38
N LEU A 67 -1.28 8.48 -16.38
CA LEU A 67 -1.78 7.90 -17.61
C LEU A 67 -2.62 8.92 -18.38
N LYS A 68 -1.96 9.98 -18.82
CA LYS A 68 -2.61 11.04 -19.57
C LYS A 68 -1.68 11.54 -20.67
N THR A 69 -0.39 11.63 -20.34
CA THR A 69 0.62 12.09 -21.29
C THR A 69 0.28 13.49 -21.82
N THR A 70 -0.12 14.37 -20.91
CA THR A 70 -0.47 15.73 -21.28
C THR A 70 0.70 16.67 -21.10
N SER A 71 1.80 16.15 -20.59
CA SER A 71 3.00 16.93 -20.37
C SER A 71 4.15 16.38 -21.19
N GLY A 5 13.58 0.75 -14.38
CA GLY A 5 13.89 2.13 -13.93
C GLY A 5 12.69 3.03 -14.04
N ARG A 6 12.92 4.28 -14.44
CA ARG A 6 11.86 5.28 -14.59
C ARG A 6 11.08 5.47 -13.28
N LYS A 7 11.81 5.59 -12.19
CA LYS A 7 11.18 5.79 -10.89
C LYS A 7 11.89 6.91 -10.15
N LYS A 8 11.13 7.70 -9.42
CA LYS A 8 11.70 8.81 -8.66
C LYS A 8 12.06 8.36 -7.26
N ARG A 9 11.19 8.64 -6.31
CA ARG A 9 11.40 8.26 -4.91
C ARG A 9 11.38 6.76 -4.75
N VAL A 10 12.02 6.26 -3.70
CA VAL A 10 12.07 4.83 -3.43
C VAL A 10 11.06 4.44 -2.37
N PRO A 11 10.45 3.25 -2.50
CA PRO A 11 9.47 2.74 -1.55
C PRO A 11 10.15 2.10 -0.34
N TYR A 12 9.36 1.77 0.67
CA TYR A 12 9.88 1.14 1.88
C TYR A 12 10.29 -0.32 1.64
N THR A 13 9.37 -1.23 1.90
CA THR A 13 9.64 -2.65 1.73
C THR A 13 8.81 -3.21 0.57
N LYS A 14 9.48 -3.83 -0.39
CA LYS A 14 8.80 -4.40 -1.54
C LYS A 14 7.80 -5.49 -1.17
N VAL A 15 8.19 -6.38 -0.27
CA VAL A 15 7.29 -7.45 0.17
C VAL A 15 6.12 -6.89 0.97
N GLN A 16 6.36 -5.76 1.63
CA GLN A 16 5.33 -5.10 2.43
C GLN A 16 4.20 -4.60 1.54
N LEU A 17 4.58 -3.85 0.50
CA LEU A 17 3.61 -3.29 -0.44
C LEU A 17 2.84 -4.40 -1.14
N LYS A 18 3.55 -5.48 -1.48
CA LYS A 18 2.93 -6.61 -2.15
C LYS A 18 1.83 -7.23 -1.29
N GLU A 19 2.10 -7.38 0.00
CA GLU A 19 1.13 -7.95 0.92
C GLU A 19 0.01 -6.96 1.21
N LEU A 20 0.37 -5.68 1.25
CA LEU A 20 -0.59 -4.61 1.51
C LEU A 20 -1.64 -4.59 0.40
N GLU A 21 -1.17 -4.68 -0.84
CA GLU A 21 -2.05 -4.67 -2.00
C GLU A 21 -2.81 -5.99 -2.11
N ARG A 22 -2.28 -7.02 -1.46
CA ARG A 22 -2.91 -8.33 -1.47
C ARG A 22 -4.22 -8.28 -0.69
N GLU A 23 -4.16 -7.69 0.50
CA GLU A 23 -5.35 -7.56 1.34
C GLU A 23 -6.31 -6.56 0.72
N TYR A 24 -5.74 -5.54 0.08
CA TYR A 24 -6.52 -4.50 -0.58
C TYR A 24 -7.29 -5.08 -1.77
N ALA A 25 -6.71 -6.11 -2.39
CA ALA A 25 -7.32 -6.76 -3.54
C ALA A 25 -8.56 -7.56 -3.16
N THR A 26 -8.62 -8.04 -1.92
CA THR A 26 -9.76 -8.81 -1.45
C THR A 26 -10.97 -7.92 -1.25
N ASN A 27 -10.73 -6.66 -0.90
CA ASN A 27 -11.79 -5.69 -0.67
C ASN A 27 -11.24 -4.28 -0.77
N LYS A 28 -10.50 -3.88 0.26
CA LYS A 28 -9.89 -2.56 0.35
C LYS A 28 -9.31 -2.36 1.74
N PHE A 29 -10.15 -2.53 2.75
CA PHE A 29 -9.73 -2.36 4.14
C PHE A 29 -10.12 -3.59 4.96
N ILE A 30 -9.11 -4.22 5.56
CA ILE A 30 -9.35 -5.40 6.38
C ILE A 30 -9.48 -5.05 7.85
N THR A 31 -9.75 -6.06 8.68
CA THR A 31 -9.92 -5.88 10.11
C THR A 31 -8.57 -5.75 10.83
N LYS A 32 -8.62 -5.40 12.11
CA LYS A 32 -7.42 -5.23 12.91
C LYS A 32 -6.67 -6.55 13.07
N ASP A 33 -7.39 -7.66 13.09
CA ASP A 33 -6.77 -8.96 13.22
C ASP A 33 -5.94 -9.30 11.98
N LYS A 34 -6.37 -8.78 10.84
CA LYS A 34 -5.66 -9.00 9.59
C LYS A 34 -4.47 -8.05 9.45
N ARG A 35 -4.66 -6.81 9.90
CA ARG A 35 -3.57 -5.82 9.84
C ARG A 35 -2.44 -6.25 10.75
N ARG A 36 -2.80 -6.97 11.82
CA ARG A 36 -1.83 -7.47 12.78
C ARG A 36 -0.94 -8.51 12.09
N ARG A 37 -1.54 -9.30 11.20
CA ARG A 37 -0.81 -10.31 10.46
C ARG A 37 0.28 -9.64 9.63
N ILE A 38 -0.11 -8.59 8.91
CA ILE A 38 0.83 -7.85 8.08
C ILE A 38 1.88 -7.16 8.95
N SER A 39 1.42 -6.57 10.04
CA SER A 39 2.31 -5.87 10.96
C SER A 39 3.31 -6.82 11.60
N ALA A 40 2.95 -8.08 11.77
CA ALA A 40 3.84 -9.07 12.35
C ALA A 40 4.92 -9.48 11.36
N THR A 41 4.53 -9.63 10.11
CA THR A 41 5.46 -10.01 9.06
C THR A 41 6.43 -8.89 8.70
N THR A 42 5.98 -7.65 8.87
CA THR A 42 6.82 -6.49 8.56
C THR A 42 7.48 -5.92 9.81
N ASN A 43 6.97 -6.34 10.98
CA ASN A 43 7.47 -5.87 12.27
C ASN A 43 7.19 -4.39 12.50
N LEU A 44 5.96 -3.99 12.20
CA LEU A 44 5.54 -2.60 12.36
C LEU A 44 4.70 -2.42 13.62
N SER A 45 4.25 -1.19 13.87
CA SER A 45 3.45 -0.89 15.05
C SER A 45 1.96 -0.79 14.75
N GLU A 46 1.51 -1.48 13.69
CA GLU A 46 0.08 -1.48 13.28
C GLU A 46 -0.39 -0.14 12.70
N ARG A 47 0.01 0.96 13.33
CA ARG A 47 -0.39 2.30 12.89
C ARG A 47 -0.10 2.53 11.42
N GLN A 48 1.18 2.50 11.03
CA GLN A 48 1.57 2.72 9.65
C GLN A 48 0.98 1.67 8.72
N VAL A 49 0.76 0.46 9.24
CA VAL A 49 0.19 -0.61 8.45
C VAL A 49 -1.21 -0.21 7.98
N THR A 50 -1.94 0.44 8.88
CA THR A 50 -3.28 0.90 8.57
C THR A 50 -3.21 2.10 7.63
N ILE A 51 -2.29 3.02 7.93
CA ILE A 51 -2.10 4.22 7.13
C ILE A 51 -1.74 3.87 5.69
N TRP A 52 -0.97 2.80 5.52
CA TRP A 52 -0.55 2.36 4.19
C TRP A 52 -1.75 1.97 3.32
N PHE A 53 -2.85 1.58 3.95
CA PHE A 53 -4.05 1.21 3.23
C PHE A 53 -4.64 2.43 2.53
N GLN A 54 -4.66 3.55 3.25
CA GLN A 54 -5.16 4.79 2.69
C GLN A 54 -4.14 5.38 1.73
N ASN A 55 -2.87 5.10 2.03
CA ASN A 55 -1.77 5.56 1.19
C ASN A 55 -1.83 4.89 -0.17
N ARG A 56 -2.44 3.71 -0.20
CA ARG A 56 -2.59 2.96 -1.43
C ARG A 56 -3.53 3.69 -2.38
N ARG A 57 -4.50 4.40 -1.81
CA ARG A 57 -5.47 5.17 -2.57
C ARG A 57 -4.79 6.31 -3.30
N VAL A 58 -3.68 6.78 -2.74
CA VAL A 58 -2.91 7.86 -3.34
C VAL A 58 -2.17 7.35 -4.57
N LYS A 59 -1.68 6.12 -4.47
CA LYS A 59 -0.93 5.50 -5.57
C LYS A 59 -1.79 5.35 -6.82
N GLU A 60 -3.02 4.88 -6.64
CA GLU A 60 -3.92 4.70 -7.78
C GLU A 60 -4.27 6.04 -8.43
N LYS A 61 -4.54 7.05 -7.60
CA LYS A 61 -4.87 8.37 -8.10
C LYS A 61 -3.70 8.94 -8.89
N LYS A 62 -2.50 8.65 -8.41
CA LYS A 62 -1.27 9.11 -9.07
C LYS A 62 -1.10 8.48 -10.45
N VAL A 63 -1.27 7.16 -10.51
CA VAL A 63 -1.13 6.42 -11.77
C VAL A 63 -2.17 6.90 -12.79
N ILE A 64 -3.41 7.05 -12.36
CA ILE A 64 -4.50 7.48 -13.23
C ILE A 64 -4.21 8.84 -13.88
N ASN A 65 -3.54 9.71 -13.13
CA ASN A 65 -3.20 11.04 -13.64
C ASN A 65 -2.04 10.99 -14.63
N LYS A 66 -1.02 10.23 -14.30
CA LYS A 66 0.15 10.10 -15.16
C LYS A 66 -0.16 9.31 -16.42
N LEU A 67 -1.17 8.45 -16.35
CA LEU A 67 -1.58 7.62 -17.48
C LEU A 67 -2.08 8.47 -18.64
N LYS A 68 -2.35 9.74 -18.38
CA LYS A 68 -2.84 10.64 -19.41
C LYS A 68 -1.69 11.07 -20.33
N THR A 69 -0.50 11.21 -19.75
CA THR A 69 0.70 11.60 -20.48
C THR A 69 0.46 12.84 -21.34
N THR A 70 0.15 13.95 -20.70
CA THR A 70 -0.12 15.20 -21.41
C THR A 70 0.86 16.30 -21.01
N SER A 71 1.92 15.91 -20.31
CA SER A 71 2.93 16.85 -19.86
C SER A 71 4.12 16.85 -20.82
N GLY A 5 11.22 2.48 -13.67
CA GLY A 5 11.55 3.74 -14.41
C GLY A 5 10.52 4.81 -14.17
N ARG A 6 10.87 6.06 -14.52
CA ARG A 6 9.98 7.22 -14.36
C ARG A 6 9.81 7.63 -12.90
N LYS A 7 9.41 6.67 -12.06
CA LYS A 7 9.21 6.92 -10.64
C LYS A 7 10.45 7.53 -10.00
N LYS A 8 10.24 8.44 -9.06
CA LYS A 8 11.34 9.08 -8.38
C LYS A 8 11.66 8.34 -7.10
N ARG A 9 10.97 8.69 -6.00
CA ARG A 9 11.19 8.03 -4.71
C ARG A 9 11.03 6.52 -4.84
N VAL A 10 11.92 5.77 -4.21
CA VAL A 10 11.88 4.32 -4.25
C VAL A 10 11.00 3.76 -3.12
N PRO A 11 10.22 2.71 -3.43
CA PRO A 11 9.37 2.07 -2.43
C PRO A 11 10.19 1.13 -1.54
N TYR A 12 9.56 0.54 -0.55
CA TYR A 12 10.25 -0.37 0.36
C TYR A 12 10.48 -1.73 -0.30
N THR A 13 9.45 -2.56 -0.29
CA THR A 13 9.54 -3.88 -0.89
C THR A 13 8.30 -4.18 -1.72
N LYS A 14 8.50 -4.83 -2.86
CA LYS A 14 7.40 -5.17 -3.74
C LYS A 14 6.41 -6.12 -3.07
N VAL A 15 6.90 -6.95 -2.16
CA VAL A 15 6.04 -7.89 -1.44
C VAL A 15 5.07 -7.14 -0.53
N GLN A 16 5.56 -6.07 0.07
CA GLN A 16 4.74 -5.25 0.96
C GLN A 16 3.63 -4.59 0.16
N LEU A 17 3.99 -4.07 -1.02
CA LEU A 17 3.03 -3.42 -1.90
C LEU A 17 2.00 -4.43 -2.39
N LYS A 18 2.47 -5.62 -2.74
CA LYS A 18 1.60 -6.68 -3.22
C LYS A 18 0.57 -7.08 -2.16
N GLU A 19 1.03 -7.33 -0.94
CA GLU A 19 0.14 -7.71 0.15
C GLU A 19 -0.88 -6.59 0.42
N LEU A 20 -0.41 -5.36 0.34
CA LEU A 20 -1.26 -4.20 0.54
C LEU A 20 -2.38 -4.16 -0.50
N GLU A 21 -2.03 -4.39 -1.76
CA GLU A 21 -2.99 -4.40 -2.84
C GLU A 21 -3.94 -5.60 -2.72
N ARG A 22 -3.41 -6.73 -2.27
CA ARG A 22 -4.21 -7.94 -2.14
C ARG A 22 -5.33 -7.78 -1.11
N GLU A 23 -5.02 -7.22 0.05
CA GLU A 23 -6.03 -7.01 1.09
C GLU A 23 -6.96 -5.86 0.71
N TYR A 24 -6.43 -4.90 -0.04
CA TYR A 24 -7.21 -3.75 -0.47
C TYR A 24 -8.25 -4.18 -1.50
N ALA A 25 -7.87 -5.13 -2.36
CA ALA A 25 -8.74 -5.63 -3.41
C ALA A 25 -9.93 -6.40 -2.84
N THR A 26 -9.78 -6.86 -1.60
CA THR A 26 -10.84 -7.61 -0.93
C THR A 26 -12.02 -6.70 -0.59
N ASN A 27 -11.73 -5.40 -0.44
CA ASN A 27 -12.75 -4.40 -0.11
C ASN A 27 -12.14 -3.01 -0.08
N LYS A 28 -11.37 -2.73 0.97
CA LYS A 28 -10.70 -1.45 1.15
C LYS A 28 -9.86 -1.50 2.41
N PHE A 29 -10.51 -1.80 3.52
CA PHE A 29 -9.85 -1.89 4.81
C PHE A 29 -10.21 -3.19 5.50
N ILE A 30 -9.20 -3.88 6.02
CA ILE A 30 -9.40 -5.14 6.72
C ILE A 30 -9.49 -4.92 8.22
N THR A 31 -9.88 -5.96 8.95
CA THR A 31 -10.00 -5.88 10.40
C THR A 31 -8.66 -6.06 11.09
N LYS A 32 -8.65 -5.96 12.42
CA LYS A 32 -7.43 -6.11 13.21
C LYS A 32 -6.81 -7.50 13.04
N ASP A 33 -7.65 -8.52 13.02
CA ASP A 33 -7.18 -9.90 12.84
C ASP A 33 -6.49 -10.05 11.49
N LYS A 34 -7.00 -9.31 10.51
CA LYS A 34 -6.46 -9.35 9.17
C LYS A 34 -5.19 -8.52 9.06
N ARG A 35 -5.15 -7.40 9.76
CA ARG A 35 -3.98 -6.53 9.73
C ARG A 35 -2.79 -7.19 10.41
N ARG A 36 -3.07 -8.02 11.41
CA ARG A 36 -2.02 -8.74 12.12
C ARG A 36 -1.28 -9.67 11.18
N ARG A 37 -2.01 -10.21 10.21
CA ARG A 37 -1.43 -11.11 9.21
C ARG A 37 -0.36 -10.36 8.42
N ILE A 38 -0.75 -9.22 7.88
CA ILE A 38 0.15 -8.39 7.09
C ILE A 38 1.33 -7.94 7.94
N SER A 39 1.04 -7.56 9.18
CA SER A 39 2.05 -7.10 10.11
C SER A 39 3.10 -8.17 10.38
N ALA A 40 2.69 -9.43 10.27
CA ALA A 40 3.59 -10.55 10.50
C ALA A 40 4.58 -10.68 9.36
N THR A 41 4.08 -10.62 8.13
CA THR A 41 4.92 -10.76 6.95
C THR A 41 5.75 -9.51 6.68
N THR A 42 5.12 -8.34 6.76
CA THR A 42 5.82 -7.08 6.52
C THR A 42 6.76 -6.76 7.68
N ASN A 43 6.45 -7.34 8.85
CA ASN A 43 7.23 -7.14 10.07
C ASN A 43 7.00 -5.76 10.65
N LEU A 44 5.90 -5.13 10.25
CA LEU A 44 5.53 -3.80 10.72
C LEU A 44 4.79 -3.91 12.06
N SER A 45 4.91 -2.89 12.90
CA SER A 45 4.26 -2.89 14.21
C SER A 45 2.77 -2.53 14.13
N GLU A 46 2.07 -3.10 13.15
CA GLU A 46 0.63 -2.87 12.95
C GLU A 46 0.29 -1.44 12.52
N ARG A 47 0.74 -0.45 13.29
CA ARG A 47 0.49 0.96 13.00
C ARG A 47 0.88 1.31 11.56
N GLN A 48 2.10 0.97 11.19
CA GLN A 48 2.61 1.27 9.86
C GLN A 48 1.81 0.57 8.76
N VAL A 49 1.15 -0.54 9.09
CA VAL A 49 0.35 -1.26 8.11
C VAL A 49 -0.85 -0.41 7.72
N THR A 50 -1.52 0.15 8.71
CA THR A 50 -2.66 1.01 8.48
C THR A 50 -2.20 2.26 7.71
N ILE A 51 -0.99 2.70 8.03
CA ILE A 51 -0.39 3.87 7.39
C ILE A 51 -0.34 3.68 5.87
N TRP A 52 0.13 2.52 5.44
CA TRP A 52 0.22 2.23 4.02
C TRP A 52 -1.15 2.06 3.37
N PHE A 53 -2.12 1.61 4.15
CA PHE A 53 -3.47 1.43 3.64
C PHE A 53 -4.07 2.78 3.26
N GLN A 54 -3.88 3.77 4.13
CA GLN A 54 -4.37 5.11 3.88
C GLN A 54 -3.57 5.73 2.74
N ASN A 55 -2.28 5.42 2.73
CA ASN A 55 -1.36 5.92 1.71
C ASN A 55 -1.73 5.40 0.32
N ARG A 56 -2.29 4.19 0.27
CA ARG A 56 -2.68 3.58 -1.00
C ARG A 56 -3.79 4.38 -1.69
N ARG A 57 -4.58 5.11 -0.89
CA ARG A 57 -5.66 5.91 -1.43
C ARG A 57 -5.15 7.05 -2.30
N VAL A 58 -4.10 7.72 -1.86
CA VAL A 58 -3.52 8.81 -2.64
C VAL A 58 -2.67 8.27 -3.79
N LYS A 59 -2.08 7.09 -3.56
CA LYS A 59 -1.24 6.46 -4.56
C LYS A 59 -2.05 6.14 -5.82
N GLU A 60 -3.26 5.64 -5.63
CA GLU A 60 -4.12 5.30 -6.76
C GLU A 60 -4.68 6.57 -7.41
N LYS A 61 -4.94 7.59 -6.59
CA LYS A 61 -5.46 8.86 -7.09
C LYS A 61 -4.46 9.53 -8.03
N LYS A 62 -3.18 9.35 -7.73
CA LYS A 62 -2.11 9.92 -8.54
C LYS A 62 -2.15 9.34 -9.96
N VAL A 63 -2.47 8.05 -10.05
CA VAL A 63 -2.56 7.38 -11.35
C VAL A 63 -3.65 8.01 -12.20
N ILE A 64 -4.81 8.20 -11.60
CA ILE A 64 -5.96 8.79 -12.30
C ILE A 64 -5.64 10.23 -12.73
N ASN A 65 -4.85 10.93 -11.91
CA ASN A 65 -4.48 12.30 -12.20
C ASN A 65 -3.53 12.38 -13.40
N LYS A 66 -2.65 11.39 -13.53
CA LYS A 66 -1.70 11.38 -14.64
C LYS A 66 -2.27 10.73 -15.89
N LEU A 67 -3.42 10.11 -15.76
CA LEU A 67 -4.08 9.43 -16.88
C LEU A 67 -4.65 10.42 -17.90
N LYS A 68 -4.55 11.71 -17.59
CA LYS A 68 -5.04 12.74 -18.49
C LYS A 68 -4.09 12.93 -19.66
N THR A 69 -2.80 13.01 -19.36
CA THR A 69 -1.74 13.16 -20.36
C THR A 69 -1.87 14.49 -21.13
N THR A 70 -2.58 15.45 -20.54
CA THR A 70 -2.78 16.75 -21.16
C THR A 70 -2.17 17.86 -20.29
N SER A 71 -1.23 17.47 -19.45
CA SER A 71 -0.57 18.40 -18.55
C SER A 71 0.36 19.34 -19.33
N GLY A 5 12.91 1.07 -12.71
CA GLY A 5 12.87 2.24 -13.61
C GLY A 5 11.58 3.03 -13.46
N ARG A 6 11.59 4.27 -13.99
CA ARG A 6 10.43 5.15 -13.94
C ARG A 6 9.88 5.29 -12.52
N LYS A 7 10.70 5.86 -11.65
CA LYS A 7 10.33 6.05 -10.25
C LYS A 7 11.27 7.06 -9.60
N LYS A 8 10.72 8.10 -9.02
CA LYS A 8 11.53 9.11 -8.36
C LYS A 8 11.96 8.59 -6.99
N ARG A 9 11.18 8.88 -5.97
CA ARG A 9 11.50 8.41 -4.62
C ARG A 9 11.39 6.89 -4.57
N VAL A 10 12.26 6.26 -3.80
CA VAL A 10 12.25 4.80 -3.70
C VAL A 10 11.13 4.32 -2.78
N PRO A 11 10.56 3.13 -3.08
CA PRO A 11 9.50 2.54 -2.28
C PRO A 11 10.06 1.99 -0.97
N TYR A 12 9.22 1.95 0.04
CA TYR A 12 9.61 1.45 1.36
C TYR A 12 9.97 -0.03 1.33
N THR A 13 8.96 -0.88 1.12
CA THR A 13 9.17 -2.31 1.09
C THR A 13 8.30 -2.96 0.03
N LYS A 14 8.93 -3.66 -0.91
CA LYS A 14 8.20 -4.33 -1.98
C LYS A 14 7.38 -5.48 -1.42
N VAL A 15 7.88 -6.11 -0.37
CA VAL A 15 7.18 -7.22 0.27
C VAL A 15 5.91 -6.72 0.95
N GLN A 16 5.99 -5.53 1.53
CA GLN A 16 4.86 -4.92 2.22
C GLN A 16 3.77 -4.57 1.22
N LEU A 17 4.19 -4.06 0.06
CA LEU A 17 3.25 -3.70 -0.99
C LEU A 17 2.44 -4.91 -1.41
N LYS A 18 3.09 -6.07 -1.44
CA LYS A 18 2.42 -7.31 -1.80
C LYS A 18 1.44 -7.72 -0.71
N GLU A 19 1.90 -7.65 0.55
CA GLU A 19 1.06 -8.01 1.69
C GLU A 19 -0.20 -7.15 1.74
N LEU A 20 0.00 -5.84 1.55
CA LEU A 20 -1.10 -4.88 1.56
C LEU A 20 -2.08 -5.20 0.43
N GLU A 21 -1.54 -5.41 -0.77
CA GLU A 21 -2.36 -5.71 -1.94
C GLU A 21 -3.11 -7.03 -1.78
N ARG A 22 -2.48 -8.00 -1.14
CA ARG A 22 -3.09 -9.31 -0.93
C ARG A 22 -4.31 -9.21 -0.01
N GLU A 23 -4.14 -8.57 1.12
CA GLU A 23 -5.24 -8.42 2.08
C GLU A 23 -6.34 -7.56 1.48
N TYR A 24 -5.94 -6.60 0.66
CA TYR A 24 -6.89 -5.71 0.00
C TYR A 24 -7.70 -6.47 -1.04
N ALA A 25 -7.09 -7.51 -1.61
CA ALA A 25 -7.75 -8.32 -2.63
C ALA A 25 -8.83 -9.23 -2.04
N THR A 26 -8.71 -9.53 -0.76
CA THR A 26 -9.68 -10.38 -0.07
C THR A 26 -11.03 -9.68 0.03
N ASN A 27 -11.00 -8.35 0.05
CA ASN A 27 -12.21 -7.53 0.13
C ASN A 27 -11.86 -6.06 -0.07
N LYS A 28 -11.12 -5.51 0.89
CA LYS A 28 -10.68 -4.11 0.87
C LYS A 28 -10.01 -3.80 2.18
N PHE A 29 -10.74 -4.02 3.27
CA PHE A 29 -10.24 -3.77 4.61
C PHE A 29 -10.44 -5.00 5.48
N ILE A 30 -9.54 -5.17 6.45
CA ILE A 30 -9.63 -6.30 7.37
C ILE A 30 -9.60 -5.82 8.81
N THR A 31 -10.14 -6.63 9.71
CA THR A 31 -10.19 -6.29 11.13
C THR A 31 -8.80 -6.05 11.72
N LYS A 32 -8.75 -5.37 12.86
CA LYS A 32 -7.48 -5.06 13.54
C LYS A 32 -6.66 -6.31 13.80
N ASP A 33 -7.32 -7.38 14.23
CA ASP A 33 -6.64 -8.65 14.50
C ASP A 33 -6.04 -9.25 13.23
N LYS A 34 -6.63 -8.91 12.10
CA LYS A 34 -6.15 -9.41 10.82
C LYS A 34 -5.04 -8.53 10.27
N ARG A 35 -5.14 -7.22 10.50
CA ARG A 35 -4.12 -6.29 10.04
C ARG A 35 -2.86 -6.42 10.89
N ARG A 36 -3.04 -6.87 12.13
CA ARG A 36 -1.94 -7.05 13.06
C ARG A 36 -0.94 -8.08 12.52
N ARG A 37 -1.41 -8.90 11.59
CA ARG A 37 -0.58 -9.92 10.96
C ARG A 37 0.51 -9.24 10.14
N ILE A 38 0.12 -8.20 9.40
CA ILE A 38 1.06 -7.45 8.58
C ILE A 38 2.06 -6.74 9.49
N SER A 39 1.56 -6.25 10.62
CA SER A 39 2.39 -5.58 11.60
C SER A 39 3.43 -6.54 12.19
N ALA A 40 3.16 -7.84 12.04
CA ALA A 40 4.05 -8.87 12.56
C ALA A 40 5.07 -9.31 11.51
N THR A 41 4.63 -9.45 10.26
CA THR A 41 5.52 -9.88 9.20
C THR A 41 6.50 -8.80 8.75
N THR A 42 5.98 -7.69 8.27
CA THR A 42 6.81 -6.59 7.80
C THR A 42 7.29 -5.70 8.94
N ASN A 43 6.80 -5.98 10.14
CA ASN A 43 7.16 -5.23 11.34
C ASN A 43 6.69 -3.79 11.24
N LEU A 44 5.41 -3.59 11.54
CA LEU A 44 4.82 -2.26 11.49
C LEU A 44 4.30 -1.89 12.88
N SER A 45 4.37 -0.61 13.21
CA SER A 45 3.92 -0.13 14.51
C SER A 45 2.40 0.06 14.58
N GLU A 46 1.66 -0.85 13.96
CA GLU A 46 0.19 -0.81 13.94
C GLU A 46 -0.35 0.36 13.12
N ARG A 47 -0.12 1.57 13.61
CA ARG A 47 -0.58 2.79 12.93
C ARG A 47 -0.07 2.86 11.50
N GLN A 48 1.15 2.37 11.28
CA GLN A 48 1.76 2.39 9.95
C GLN A 48 0.91 1.65 8.93
N VAL A 49 0.22 0.60 9.38
CA VAL A 49 -0.63 -0.19 8.48
C VAL A 49 -1.72 0.70 7.89
N THR A 50 -2.36 1.49 8.75
CA THR A 50 -3.41 2.39 8.30
C THR A 50 -2.83 3.48 7.40
N ILE A 51 -1.57 3.84 7.65
CA ILE A 51 -0.91 4.87 6.86
C ILE A 51 -0.78 4.44 5.40
N TRP A 52 -0.24 3.24 5.18
CA TRP A 52 -0.09 2.74 3.82
C TRP A 52 -1.43 2.35 3.21
N PHE A 53 -2.38 1.98 4.06
CA PHE A 53 -3.72 1.61 3.60
C PHE A 53 -4.39 2.83 2.97
N GLN A 54 -4.21 3.97 3.61
CA GLN A 54 -4.78 5.22 3.11
C GLN A 54 -3.91 5.79 2.00
N ASN A 55 -2.62 5.49 2.06
CA ASN A 55 -1.68 5.96 1.06
C ASN A 55 -1.98 5.35 -0.29
N ARG A 56 -2.61 4.18 -0.28
CA ARG A 56 -2.97 3.50 -1.52
C ARG A 56 -3.91 4.34 -2.38
N ARG A 57 -4.65 5.24 -1.73
CA ARG A 57 -5.60 6.10 -2.45
C ARG A 57 -4.87 7.02 -3.41
N VAL A 58 -3.77 7.59 -2.94
CA VAL A 58 -2.98 8.50 -3.77
C VAL A 58 -2.06 7.72 -4.70
N LYS A 59 -1.66 6.52 -4.29
CA LYS A 59 -0.80 5.66 -5.08
C LYS A 59 -1.44 5.36 -6.43
N GLU A 60 -2.69 4.90 -6.41
CA GLU A 60 -3.40 4.60 -7.64
C GLU A 60 -3.85 5.85 -8.37
N LYS A 61 -4.16 6.91 -7.61
CA LYS A 61 -4.58 8.17 -8.20
C LYS A 61 -3.48 8.73 -9.07
N LYS A 62 -2.25 8.64 -8.57
CA LYS A 62 -1.08 9.12 -9.28
C LYS A 62 -0.89 8.34 -10.59
N VAL A 63 -1.19 7.04 -10.55
CA VAL A 63 -1.08 6.20 -11.73
C VAL A 63 -2.06 6.64 -12.81
N ILE A 64 -3.30 6.90 -12.41
CA ILE A 64 -4.34 7.33 -13.35
C ILE A 64 -4.02 8.74 -13.88
N ASN A 65 -3.43 9.56 -13.02
CA ASN A 65 -3.07 10.93 -13.38
C ASN A 65 -2.08 10.92 -14.54
N LYS A 66 -1.09 10.05 -14.46
CA LYS A 66 -0.07 9.95 -15.49
C LYS A 66 -0.47 8.95 -16.59
N LEU A 67 -1.70 8.46 -16.52
CA LEU A 67 -2.21 7.51 -17.51
C LEU A 67 -2.67 8.24 -18.76
N LYS A 68 -2.99 9.52 -18.60
CA LYS A 68 -3.43 10.36 -19.70
C LYS A 68 -2.22 11.01 -20.34
N THR A 69 -1.56 11.89 -19.57
CA THR A 69 -0.36 12.61 -20.01
C THR A 69 -0.47 13.22 -21.40
N THR A 70 -1.06 14.41 -21.48
CA THR A 70 -1.20 15.12 -22.74
C THR A 70 -0.20 16.26 -22.81
N SER A 71 0.68 16.33 -21.82
CA SER A 71 1.69 17.36 -21.75
C SER A 71 2.95 16.94 -22.49
N GLY A 5 16.21 3.80 -11.64
CA GLY A 5 15.75 4.45 -12.89
C GLY A 5 14.26 4.32 -13.09
N ARG A 6 13.74 4.96 -14.14
CA ARG A 6 12.31 4.93 -14.49
C ARG A 6 11.46 5.74 -13.52
N LYS A 7 11.53 5.42 -12.23
CA LYS A 7 10.76 6.12 -11.22
C LYS A 7 11.63 7.13 -10.46
N LYS A 8 10.99 8.15 -9.90
CA LYS A 8 11.71 9.18 -9.16
C LYS A 8 12.06 8.66 -7.76
N ARG A 9 11.14 8.84 -6.82
CA ARG A 9 11.34 8.40 -5.44
C ARG A 9 11.28 6.87 -5.33
N VAL A 10 11.87 6.33 -4.27
CA VAL A 10 11.89 4.89 -4.06
C VAL A 10 10.83 4.48 -3.04
N PRO A 11 10.30 3.25 -3.17
CA PRO A 11 9.28 2.73 -2.25
C PRO A 11 9.90 2.14 -0.99
N TYR A 12 9.06 1.91 0.01
CA TYR A 12 9.51 1.35 1.29
C TYR A 12 10.06 -0.07 1.16
N THR A 13 9.17 -1.06 1.12
CA THR A 13 9.59 -2.45 1.02
C THR A 13 8.73 -3.21 0.03
N LYS A 14 9.36 -4.10 -0.73
CA LYS A 14 8.66 -4.91 -1.71
C LYS A 14 7.67 -5.85 -1.04
N VAL A 15 8.12 -6.54 0.00
CA VAL A 15 7.26 -7.47 0.73
C VAL A 15 6.10 -6.75 1.42
N GLN A 16 6.35 -5.54 1.89
CA GLN A 16 5.32 -4.77 2.57
C GLN A 16 4.20 -4.39 1.61
N LEU A 17 4.59 -3.78 0.49
CA LEU A 17 3.62 -3.37 -0.52
C LEU A 17 2.92 -4.57 -1.14
N LYS A 18 3.62 -5.70 -1.21
CA LYS A 18 3.04 -6.91 -1.78
C LYS A 18 1.91 -7.45 -0.91
N GLU A 19 2.12 -7.46 0.41
CA GLU A 19 1.11 -7.94 1.34
C GLU A 19 -0.01 -6.93 1.48
N LEU A 20 0.36 -5.66 1.52
CA LEU A 20 -0.58 -4.56 1.67
C LEU A 20 -1.62 -4.59 0.56
N GLU A 21 -1.15 -4.63 -0.69
CA GLU A 21 -2.04 -4.64 -1.84
C GLU A 21 -2.68 -6.01 -2.05
N ARG A 22 -2.16 -7.02 -1.38
CA ARG A 22 -2.72 -8.37 -1.51
C ARG A 22 -4.08 -8.45 -0.83
N GLU A 23 -4.15 -7.99 0.41
CA GLU A 23 -5.40 -8.00 1.15
C GLU A 23 -6.42 -7.06 0.51
N TYR A 24 -5.90 -6.00 -0.11
CA TYR A 24 -6.74 -5.03 -0.80
C TYR A 24 -7.37 -5.71 -2.01
N ALA A 25 -6.65 -6.66 -2.59
CA ALA A 25 -7.13 -7.40 -3.75
C ALA A 25 -8.15 -8.45 -3.33
N THR A 26 -8.00 -8.97 -2.11
CA THR A 26 -8.93 -9.95 -1.60
C THR A 26 -10.30 -9.30 -1.39
N ASN A 27 -10.29 -8.12 -0.78
CA ASN A 27 -11.51 -7.38 -0.52
C ASN A 27 -11.27 -5.88 -0.66
N LYS A 28 -10.72 -5.27 0.39
CA LYS A 28 -10.43 -3.83 0.39
C LYS A 28 -9.82 -3.44 1.72
N PHE A 29 -10.60 -3.63 2.79
CA PHE A 29 -10.14 -3.28 4.12
C PHE A 29 -9.96 -4.53 4.98
N ILE A 30 -9.03 -4.47 5.92
CA ILE A 30 -8.76 -5.60 6.79
C ILE A 30 -9.29 -5.39 8.20
N THR A 31 -9.33 -6.48 8.96
CA THR A 31 -9.79 -6.45 10.34
C THR A 31 -8.61 -6.30 11.29
N LYS A 32 -8.87 -6.35 12.60
CA LYS A 32 -7.81 -6.20 13.59
C LYS A 32 -6.80 -7.34 13.52
N ASP A 33 -7.31 -8.55 13.37
CA ASP A 33 -6.46 -9.74 13.28
C ASP A 33 -5.59 -9.68 12.04
N LYS A 34 -6.16 -9.20 10.94
CA LYS A 34 -5.43 -9.10 9.68
C LYS A 34 -4.31 -8.07 9.80
N ARG A 35 -4.62 -6.93 10.41
CA ARG A 35 -3.64 -5.87 10.58
C ARG A 35 -2.47 -6.35 11.44
N ARG A 36 -2.78 -7.05 12.52
CA ARG A 36 -1.75 -7.59 13.40
C ARG A 36 -0.91 -8.64 12.68
N ARG A 37 -1.55 -9.41 11.82
CA ARG A 37 -0.88 -10.46 11.05
C ARG A 37 0.14 -9.84 10.10
N ILE A 38 -0.31 -8.86 9.32
CA ILE A 38 0.55 -8.18 8.37
C ILE A 38 1.65 -7.41 9.10
N SER A 39 1.28 -6.83 10.23
CA SER A 39 2.21 -6.06 11.05
C SER A 39 3.33 -6.94 11.62
N ALA A 40 3.09 -8.25 11.64
CA ALA A 40 4.07 -9.19 12.15
C ALA A 40 5.07 -9.56 11.06
N THR A 41 4.55 -9.85 9.87
CA THR A 41 5.39 -10.25 8.75
C THR A 41 6.26 -9.09 8.25
N THR A 42 5.72 -7.87 8.30
CA THR A 42 6.45 -6.70 7.85
C THR A 42 7.14 -5.99 9.02
N ASN A 43 6.82 -6.45 10.24
CA ASN A 43 7.39 -5.88 11.46
C ASN A 43 7.10 -4.38 11.57
N LEU A 44 5.82 -4.07 11.72
CA LEU A 44 5.37 -2.69 11.85
C LEU A 44 4.64 -2.50 13.17
N SER A 45 4.19 -1.28 13.41
CA SER A 45 3.47 -0.96 14.64
C SER A 45 1.97 -0.84 14.40
N GLU A 46 1.48 -1.54 13.37
CA GLU A 46 0.05 -1.54 13.00
C GLU A 46 -0.41 -0.21 12.39
N ARG A 47 0.00 0.90 13.00
CA ARG A 47 -0.36 2.24 12.54
C ARG A 47 -0.10 2.42 11.06
N GLN A 48 1.16 2.29 10.66
CA GLN A 48 1.56 2.45 9.27
C GLN A 48 0.85 1.48 8.34
N VAL A 49 0.42 0.33 8.87
CA VAL A 49 -0.27 -0.67 8.08
C VAL A 49 -1.58 -0.09 7.56
N THR A 50 -2.36 0.51 8.45
CA THR A 50 -3.61 1.12 8.07
C THR A 50 -3.34 2.36 7.22
N ILE A 51 -2.28 3.08 7.61
CA ILE A 51 -1.87 4.30 6.90
C ILE A 51 -1.60 4.02 5.43
N TRP A 52 -0.89 2.92 5.14
CA TRP A 52 -0.58 2.56 3.76
C TRP A 52 -1.84 2.10 3.03
N PHE A 53 -2.78 1.51 3.77
CA PHE A 53 -4.04 1.07 3.18
C PHE A 53 -4.82 2.27 2.70
N GLN A 54 -4.85 3.32 3.51
CA GLN A 54 -5.53 4.55 3.15
C GLN A 54 -4.74 5.25 2.04
N ASN A 55 -3.43 5.21 2.18
CA ASN A 55 -2.52 5.84 1.22
C ASN A 55 -2.62 5.19 -0.16
N ARG A 56 -2.99 3.92 -0.19
CA ARG A 56 -3.12 3.19 -1.44
C ARG A 56 -4.16 3.85 -2.34
N ARG A 57 -5.14 4.49 -1.72
CA ARG A 57 -6.19 5.19 -2.46
C ARG A 57 -5.66 6.45 -3.11
N VAL A 58 -4.60 7.02 -2.54
CA VAL A 58 -4.00 8.22 -3.11
C VAL A 58 -2.95 7.83 -4.15
N LYS A 59 -2.45 6.61 -4.05
CA LYS A 59 -1.47 6.09 -4.99
C LYS A 59 -2.13 5.92 -6.35
N GLU A 60 -3.32 5.32 -6.34
CA GLU A 60 -4.09 5.11 -7.56
C GLU A 60 -4.54 6.45 -8.14
N LYS A 61 -4.77 7.43 -7.26
CA LYS A 61 -5.20 8.76 -7.66
C LYS A 61 -4.15 9.36 -8.61
N LYS A 62 -2.88 9.17 -8.26
CA LYS A 62 -1.78 9.67 -9.07
C LYS A 62 -1.69 8.86 -10.37
N VAL A 63 -1.92 7.55 -10.27
CA VAL A 63 -1.87 6.67 -11.43
C VAL A 63 -2.91 7.07 -12.47
N ILE A 64 -4.11 7.43 -12.01
CA ILE A 64 -5.19 7.84 -12.90
C ILE A 64 -4.81 9.10 -13.67
N ASN A 65 -4.24 10.07 -12.96
CA ASN A 65 -3.83 11.33 -13.58
C ASN A 65 -2.67 11.07 -14.54
N LYS A 66 -1.76 10.19 -14.12
CA LYS A 66 -0.60 9.83 -14.91
C LYS A 66 -1.00 9.00 -16.13
N LEU A 67 -2.18 8.37 -16.06
CA LEU A 67 -2.67 7.56 -17.15
C LEU A 67 -3.03 8.45 -18.34
N LYS A 68 -3.29 9.72 -18.05
CA LYS A 68 -3.63 10.68 -19.09
C LYS A 68 -2.37 11.39 -19.58
N THR A 69 -1.61 11.96 -18.63
CA THR A 69 -0.39 12.69 -18.94
C THR A 69 -0.67 13.87 -19.87
N THR A 70 -1.03 15.00 -19.28
CA THR A 70 -1.35 16.20 -20.04
C THR A 70 -0.08 17.03 -20.29
N SER A 71 1.07 16.45 -19.96
CA SER A 71 2.34 17.12 -20.17
C SER A 71 2.90 16.79 -21.55
N GLY A 5 13.69 1.48 -12.97
CA GLY A 5 13.60 2.92 -13.32
C GLY A 5 12.17 3.40 -13.33
N ARG A 6 11.93 4.56 -13.93
CA ARG A 6 10.61 5.16 -14.01
C ARG A 6 10.00 5.34 -12.62
N LYS A 7 10.76 5.98 -11.75
CA LYS A 7 10.33 6.22 -10.39
C LYS A 7 11.25 7.22 -9.71
N LYS A 8 10.69 8.25 -9.10
CA LYS A 8 11.48 9.25 -8.41
C LYS A 8 11.86 8.74 -7.02
N ARG A 9 11.03 9.02 -6.02
CA ARG A 9 11.29 8.57 -4.66
C ARG A 9 11.28 7.03 -4.62
N VAL A 10 12.20 6.46 -3.86
CA VAL A 10 12.29 5.01 -3.75
C VAL A 10 11.21 4.46 -2.82
N PRO A 11 10.72 3.24 -3.10
CA PRO A 11 9.69 2.60 -2.29
C PRO A 11 10.28 2.09 -0.97
N TYR A 12 9.41 1.92 0.02
CA TYR A 12 9.85 1.44 1.33
C TYR A 12 10.37 0.01 1.24
N THR A 13 9.47 -0.95 1.03
CA THR A 13 9.85 -2.34 0.93
C THR A 13 8.84 -3.09 0.07
N LYS A 14 9.33 -3.93 -0.84
CA LYS A 14 8.47 -4.69 -1.75
C LYS A 14 7.49 -5.60 -1.02
N VAL A 15 7.91 -6.14 0.13
CA VAL A 15 7.05 -7.03 0.91
C VAL A 15 5.82 -6.29 1.46
N GLN A 16 5.99 -5.00 1.76
CA GLN A 16 4.90 -4.18 2.27
C GLN A 16 3.81 -4.00 1.23
N LEU A 17 4.23 -3.70 0.01
CA LEU A 17 3.31 -3.49 -1.10
C LEU A 17 2.57 -4.77 -1.43
N LYS A 18 3.30 -5.89 -1.45
CA LYS A 18 2.70 -7.18 -1.76
C LYS A 18 1.67 -7.58 -0.70
N GLU A 19 2.03 -7.38 0.57
CA GLU A 19 1.14 -7.72 1.68
C GLU A 19 -0.13 -6.88 1.61
N LEU A 20 0.03 -5.58 1.40
CA LEU A 20 -1.12 -4.68 1.31
C LEU A 20 -2.03 -5.10 0.16
N GLU A 21 -1.43 -5.47 -0.97
CA GLU A 21 -2.18 -5.90 -2.14
C GLU A 21 -2.90 -7.21 -1.88
N ARG A 22 -2.24 -8.11 -1.17
CA ARG A 22 -2.82 -9.42 -0.85
C ARG A 22 -4.00 -9.27 0.09
N GLU A 23 -3.82 -8.53 1.16
CA GLU A 23 -4.87 -8.30 2.15
C GLU A 23 -6.05 -7.55 1.54
N TYR A 24 -5.75 -6.60 0.67
CA TYR A 24 -6.78 -5.82 0.00
C TYR A 24 -7.58 -6.70 -0.96
N ALA A 25 -6.91 -7.68 -1.55
CA ALA A 25 -7.53 -8.59 -2.51
C ALA A 25 -8.58 -9.48 -1.85
N THR A 26 -8.43 -9.71 -0.56
CA THR A 26 -9.37 -10.55 0.18
C THR A 26 -10.77 -9.93 0.22
N ASN A 27 -10.83 -8.61 0.09
CA ASN A 27 -12.10 -7.89 0.12
C ASN A 27 -11.84 -6.40 -0.14
N LYS A 28 -11.27 -5.75 0.87
CA LYS A 28 -10.95 -4.33 0.81
C LYS A 28 -10.35 -3.90 2.14
N PHE A 29 -11.12 -4.09 3.20
CA PHE A 29 -10.66 -3.74 4.54
C PHE A 29 -10.58 -5.00 5.39
N ILE A 30 -9.61 -5.03 6.30
CA ILE A 30 -9.43 -6.19 7.17
C ILE A 30 -9.59 -5.79 8.63
N THR A 31 -9.99 -6.74 9.45
CA THR A 31 -10.19 -6.51 10.88
C THR A 31 -8.87 -6.13 11.56
N LYS A 32 -8.98 -5.49 12.73
CA LYS A 32 -7.81 -5.07 13.48
C LYS A 32 -6.93 -6.26 13.86
N ASP A 33 -7.57 -7.37 14.21
CA ASP A 33 -6.85 -8.58 14.58
C ASP A 33 -6.19 -9.21 13.35
N LYS A 34 -6.60 -8.78 12.17
CA LYS A 34 -6.05 -9.29 10.93
C LYS A 34 -4.89 -8.42 10.47
N ARG A 35 -5.00 -7.11 10.68
CA ARG A 35 -3.94 -6.18 10.28
C ARG A 35 -2.70 -6.37 11.15
N ARG A 36 -2.91 -6.91 12.35
CA ARG A 36 -1.83 -7.16 13.29
C ARG A 36 -0.85 -8.18 12.71
N ARG A 37 -1.35 -9.03 11.80
CA ARG A 37 -0.52 -10.03 11.15
C ARG A 37 0.55 -9.33 10.33
N ILE A 38 0.17 -8.22 9.71
CA ILE A 38 1.09 -7.45 8.88
C ILE A 38 2.13 -6.76 9.76
N SER A 39 1.67 -6.22 10.87
CA SER A 39 2.52 -5.52 11.83
C SER A 39 3.70 -6.40 12.26
N ALA A 40 3.45 -7.69 12.42
CA ALA A 40 4.50 -8.61 12.85
C ALA A 40 5.29 -9.16 11.65
N THR A 41 4.72 -9.07 10.46
CA THR A 41 5.37 -9.57 9.26
C THR A 41 6.37 -8.58 8.68
N THR A 42 5.96 -7.33 8.54
CA THR A 42 6.83 -6.31 7.97
C THR A 42 7.37 -5.35 9.04
N ASN A 43 7.18 -5.72 10.30
CA ASN A 43 7.64 -4.90 11.43
C ASN A 43 7.02 -3.51 11.39
N LEU A 44 5.70 -3.48 11.51
CA LEU A 44 4.97 -2.22 11.48
C LEU A 44 4.42 -1.91 12.87
N SER A 45 4.49 -0.64 13.27
CA SER A 45 4.03 -0.21 14.58
C SER A 45 2.50 -0.03 14.64
N GLU A 46 1.77 -0.95 14.00
CA GLU A 46 0.31 -0.92 13.99
C GLU A 46 -0.27 0.24 13.18
N ARG A 47 -0.06 1.47 13.64
CA ARG A 47 -0.56 2.65 12.96
C ARG A 47 -0.01 2.74 11.53
N GLN A 48 1.19 2.20 11.33
CA GLN A 48 1.83 2.21 10.02
C GLN A 48 1.01 1.43 9.00
N VAL A 49 0.29 0.42 9.45
CA VAL A 49 -0.54 -0.40 8.55
C VAL A 49 -1.64 0.47 7.97
N THR A 50 -2.32 1.20 8.86
CA THR A 50 -3.40 2.10 8.46
C THR A 50 -2.85 3.23 7.60
N ILE A 51 -1.59 3.59 7.84
CA ILE A 51 -0.92 4.64 7.08
C ILE A 51 -0.80 4.26 5.60
N TRP A 52 -0.32 3.06 5.33
CA TRP A 52 -0.17 2.61 3.95
C TRP A 52 -1.52 2.23 3.35
N PHE A 53 -2.45 1.83 4.21
CA PHE A 53 -3.80 1.46 3.79
C PHE A 53 -4.46 2.66 3.10
N GLN A 54 -4.33 3.82 3.73
CA GLN A 54 -4.91 5.04 3.20
C GLN A 54 -4.03 5.61 2.10
N ASN A 55 -2.72 5.39 2.23
CA ASN A 55 -1.75 5.87 1.26
C ASN A 55 -2.00 5.24 -0.11
N ARG A 56 -2.56 4.04 -0.11
CA ARG A 56 -2.85 3.32 -1.35
C ARG A 56 -3.80 4.12 -2.25
N ARG A 57 -4.66 4.92 -1.63
CA ARG A 57 -5.63 5.72 -2.37
C ARG A 57 -4.94 6.73 -3.28
N VAL A 58 -3.98 7.47 -2.73
CA VAL A 58 -3.24 8.45 -3.51
C VAL A 58 -2.30 7.77 -4.50
N LYS A 59 -1.83 6.58 -4.13
CA LYS A 59 -0.94 5.81 -5.00
C LYS A 59 -1.64 5.46 -6.30
N GLU A 60 -2.85 4.92 -6.18
CA GLU A 60 -3.63 4.54 -7.34
C GLU A 60 -4.03 5.76 -8.16
N LYS A 61 -4.46 6.82 -7.47
CA LYS A 61 -4.86 8.06 -8.12
C LYS A 61 -3.72 8.64 -8.95
N LYS A 62 -2.51 8.58 -8.39
CA LYS A 62 -1.32 9.08 -9.05
C LYS A 62 -1.07 8.36 -10.37
N VAL A 63 -1.24 7.03 -10.35
CA VAL A 63 -1.03 6.22 -11.53
C VAL A 63 -2.00 6.61 -12.65
N ILE A 64 -3.26 6.81 -12.28
CA ILE A 64 -4.29 7.20 -13.24
C ILE A 64 -3.96 8.54 -13.90
N ASN A 65 -3.52 9.49 -13.09
CA ASN A 65 -3.17 10.82 -13.58
C ASN A 65 -1.99 10.77 -14.56
N LYS A 66 -1.09 9.81 -14.34
CA LYS A 66 0.09 9.67 -15.20
C LYS A 66 -0.18 8.77 -16.41
N LEU A 67 -1.41 8.25 -16.51
CA LEU A 67 -1.78 7.39 -17.62
C LEU A 67 -2.48 8.21 -18.71
N LYS A 68 -2.92 9.40 -18.33
CA LYS A 68 -3.62 10.29 -19.24
C LYS A 68 -2.72 10.76 -20.37
N THR A 69 -1.47 11.10 -20.03
CA THR A 69 -0.49 11.58 -20.99
C THR A 69 -1.03 12.79 -21.78
N THR A 70 -1.31 13.87 -21.06
CA THR A 70 -1.85 15.08 -21.68
C THR A 70 -0.74 15.99 -22.23
N SER A 71 0.52 15.64 -21.95
CA SER A 71 1.65 16.43 -22.41
C SER A 71 2.88 15.53 -22.57
N GLY A 5 13.63 1.68 -12.60
CA GLY A 5 13.56 3.04 -13.18
C GLY A 5 12.15 3.55 -13.26
N ARG A 6 11.97 4.75 -13.81
CA ARG A 6 10.64 5.38 -13.94
C ARG A 6 10.01 5.65 -12.58
N LYS A 7 10.85 5.88 -11.59
CA LYS A 7 10.41 6.15 -10.23
C LYS A 7 11.33 7.15 -9.58
N LYS A 8 10.77 8.15 -8.93
CA LYS A 8 11.58 9.16 -8.25
C LYS A 8 11.95 8.66 -6.86
N ARG A 9 11.15 9.00 -5.85
CA ARG A 9 11.42 8.56 -4.49
C ARG A 9 11.34 7.03 -4.42
N VAL A 10 12.24 6.42 -3.67
CA VAL A 10 12.25 4.96 -3.54
C VAL A 10 11.18 4.48 -2.59
N PRO A 11 10.60 3.30 -2.87
CA PRO A 11 9.54 2.72 -2.03
C PRO A 11 10.09 2.25 -0.69
N TYR A 12 9.19 2.06 0.28
CA TYR A 12 9.59 1.61 1.59
C TYR A 12 9.98 0.13 1.58
N THR A 13 8.99 -0.73 1.39
CA THR A 13 9.22 -2.17 1.35
C THR A 13 8.33 -2.82 0.30
N LYS A 14 8.95 -3.50 -0.65
CA LYS A 14 8.22 -4.17 -1.72
C LYS A 14 7.42 -5.35 -1.16
N VAL A 15 7.95 -5.95 -0.10
CA VAL A 15 7.30 -7.08 0.54
C VAL A 15 6.00 -6.65 1.22
N GLN A 16 6.00 -5.43 1.76
CA GLN A 16 4.82 -4.89 2.43
C GLN A 16 3.75 -4.56 1.39
N LEU A 17 4.19 -4.03 0.25
CA LEU A 17 3.28 -3.69 -0.83
C LEU A 17 2.49 -4.91 -1.27
N LYS A 18 3.18 -6.05 -1.33
CA LYS A 18 2.56 -7.31 -1.72
C LYS A 18 1.48 -7.72 -0.71
N GLU A 19 1.83 -7.69 0.57
CA GLU A 19 0.90 -8.06 1.62
C GLU A 19 -0.30 -7.11 1.66
N LEU A 20 -0.02 -5.81 1.58
CA LEU A 20 -1.08 -4.80 1.59
C LEU A 20 -2.04 -5.03 0.43
N GLU A 21 -1.46 -5.23 -0.75
CA GLU A 21 -2.25 -5.46 -1.95
C GLU A 21 -3.04 -6.76 -1.87
N ARG A 22 -2.45 -7.77 -1.24
CA ARG A 22 -3.11 -9.07 -1.09
C ARG A 22 -4.29 -8.99 -0.13
N GLU A 23 -4.07 -8.41 1.03
CA GLU A 23 -5.13 -8.28 2.02
C GLU A 23 -6.26 -7.41 1.48
N TYR A 24 -5.88 -6.41 0.71
CA TYR A 24 -6.84 -5.50 0.11
C TYR A 24 -7.69 -6.26 -0.92
N ALA A 25 -7.02 -7.08 -1.71
CA ALA A 25 -7.68 -7.88 -2.74
C ALA A 25 -8.52 -9.00 -2.13
N THR A 26 -8.25 -9.30 -0.86
CA THR A 26 -8.99 -10.34 -0.15
C THR A 26 -10.46 -9.95 -0.01
N ASN A 27 -10.70 -8.66 0.17
CA ASN A 27 -12.05 -8.13 0.32
C ASN A 27 -12.06 -6.62 0.13
N LYS A 28 -11.41 -5.93 1.05
CA LYS A 28 -11.33 -4.48 1.04
C LYS A 28 -10.58 -4.01 2.27
N PHE A 29 -11.09 -4.43 3.42
CA PHE A 29 -10.47 -4.07 4.69
C PHE A 29 -10.52 -5.26 5.64
N ILE A 30 -9.49 -5.39 6.45
CA ILE A 30 -9.41 -6.46 7.42
C ILE A 30 -9.51 -5.89 8.83
N THR A 31 -9.91 -6.72 9.78
CA THR A 31 -10.06 -6.30 11.16
C THR A 31 -8.72 -5.94 11.79
N LYS A 32 -8.77 -5.26 12.92
CA LYS A 32 -7.55 -4.85 13.62
C LYS A 32 -6.73 -6.06 14.03
N ASP A 33 -7.42 -7.14 14.40
CA ASP A 33 -6.76 -8.37 14.80
C ASP A 33 -6.09 -9.04 13.61
N LYS A 34 -6.50 -8.65 12.40
CA LYS A 34 -5.93 -9.21 11.18
C LYS A 34 -4.88 -8.29 10.57
N ARG A 35 -5.04 -6.97 10.77
CA ARG A 35 -4.09 -6.00 10.23
C ARG A 35 -2.74 -6.13 10.95
N ARG A 36 -2.81 -6.65 12.18
CA ARG A 36 -1.64 -6.84 13.01
C ARG A 36 -0.68 -7.86 12.39
N ARG A 37 -1.21 -8.68 11.48
CA ARG A 37 -0.41 -9.69 10.80
C ARG A 37 0.69 -9.04 9.98
N ILE A 38 0.28 -8.11 9.12
CA ILE A 38 1.23 -7.39 8.26
C ILE A 38 2.21 -6.60 9.11
N SER A 39 1.72 -6.12 10.25
CA SER A 39 2.54 -5.35 11.18
C SER A 39 3.62 -6.22 11.83
N ALA A 40 3.43 -7.53 11.76
CA ALA A 40 4.38 -8.46 12.33
C ALA A 40 5.39 -8.94 11.28
N THR A 41 4.89 -9.29 10.09
CA THR A 41 5.76 -9.78 9.02
C THR A 41 6.70 -8.70 8.49
N THR A 42 6.20 -7.48 8.41
CA THR A 42 7.01 -6.37 7.91
C THR A 42 7.54 -5.51 9.06
N ASN A 43 7.20 -5.91 10.28
CA ASN A 43 7.65 -5.20 11.49
C ASN A 43 7.25 -3.72 11.50
N LEU A 44 6.02 -3.45 11.89
CA LEU A 44 5.51 -2.09 11.96
C LEU A 44 5.02 -1.79 13.38
N SER A 45 4.41 -0.63 13.54
CA SER A 45 3.90 -0.22 14.84
C SER A 45 2.37 -0.23 14.83
N GLU A 46 1.81 -1.06 13.94
CA GLU A 46 0.35 -1.19 13.80
C GLU A 46 -0.28 0.00 13.09
N ARG A 47 0.04 1.20 13.56
CA ARG A 47 -0.49 2.43 12.97
C ARG A 47 -0.02 2.57 11.52
N GLN A 48 1.19 2.11 11.24
CA GLN A 48 1.76 2.19 9.89
C GLN A 48 0.90 1.43 8.89
N VAL A 49 0.19 0.40 9.35
CA VAL A 49 -0.66 -0.40 8.49
C VAL A 49 -1.77 0.48 7.91
N THR A 50 -2.41 1.26 8.77
CA THR A 50 -3.48 2.15 8.33
C THR A 50 -2.91 3.26 7.45
N ILE A 51 -1.66 3.64 7.73
CA ILE A 51 -0.98 4.67 6.95
C ILE A 51 -0.90 4.27 5.48
N TRP A 52 -0.35 3.09 5.21
CA TRP A 52 -0.22 2.62 3.84
C TRP A 52 -1.56 2.20 3.25
N PHE A 53 -2.49 1.79 4.11
CA PHE A 53 -3.82 1.38 3.66
C PHE A 53 -4.52 2.54 2.97
N GLN A 54 -4.51 3.70 3.60
CA GLN A 54 -5.14 4.88 3.02
C GLN A 54 -4.23 5.48 1.96
N ASN A 55 -2.92 5.35 2.17
CA ASN A 55 -1.93 5.87 1.23
C ASN A 55 -2.09 5.23 -0.14
N ARG A 56 -2.57 3.98 -0.14
CA ARG A 56 -2.77 3.25 -1.38
C ARG A 56 -3.70 4.01 -2.34
N ARG A 57 -4.58 4.82 -1.79
CA ARG A 57 -5.53 5.60 -2.60
C ARG A 57 -4.80 6.59 -3.49
N VAL A 58 -3.81 7.30 -2.94
CA VAL A 58 -3.06 8.26 -3.72
C VAL A 58 -2.10 7.55 -4.68
N LYS A 59 -1.73 6.32 -4.33
CA LYS A 59 -0.85 5.51 -5.17
C LYS A 59 -1.51 5.20 -6.49
N GLU A 60 -2.72 4.66 -6.43
CA GLU A 60 -3.47 4.32 -7.63
C GLU A 60 -3.92 5.58 -8.37
N LYS A 61 -4.28 6.62 -7.62
CA LYS A 61 -4.71 7.89 -8.20
C LYS A 61 -3.59 8.50 -9.04
N LYS A 62 -2.36 8.33 -8.57
CA LYS A 62 -1.18 8.85 -9.26
C LYS A 62 -1.02 8.17 -10.62
N VAL A 63 -1.24 6.87 -10.65
CA VAL A 63 -1.13 6.11 -11.88
C VAL A 63 -2.13 6.59 -12.93
N ILE A 64 -3.36 6.81 -12.48
CA ILE A 64 -4.43 7.28 -13.37
C ILE A 64 -4.10 8.66 -13.94
N ASN A 65 -3.45 9.48 -13.12
CA ASN A 65 -3.07 10.84 -13.53
C ASN A 65 -2.00 10.81 -14.62
N LYS A 66 -1.01 9.94 -14.45
CA LYS A 66 0.08 9.83 -15.43
C LYS A 66 -0.33 8.99 -16.64
N LEU A 67 -1.53 8.43 -16.61
CA LEU A 67 -2.03 7.62 -17.70
C LEU A 67 -2.58 8.51 -18.83
N LYS A 68 -2.78 9.78 -18.52
CA LYS A 68 -3.29 10.73 -19.51
C LYS A 68 -2.22 11.05 -20.55
N THR A 69 -1.07 11.53 -20.09
CA THR A 69 0.05 11.88 -20.96
C THR A 69 -0.32 12.99 -21.96
N THR A 70 -1.06 13.98 -21.49
CA THR A 70 -1.45 15.09 -22.35
C THR A 70 -0.41 16.20 -22.28
N SER A 71 0.49 16.07 -21.32
CA SER A 71 1.55 17.04 -21.11
C SER A 71 2.59 16.94 -22.22
N GLY A 5 11.33 2.13 -14.10
CA GLY A 5 11.73 3.55 -14.14
C GLY A 5 10.54 4.47 -13.92
N ARG A 6 10.66 5.71 -14.41
CA ARG A 6 9.60 6.74 -14.30
C ARG A 6 9.42 7.24 -12.87
N LYS A 7 9.25 6.32 -11.93
CA LYS A 7 9.07 6.66 -10.53
C LYS A 7 10.30 7.36 -9.98
N LYS A 8 10.10 8.25 -9.01
CA LYS A 8 11.19 8.96 -8.40
C LYS A 8 11.66 8.23 -7.15
N ARG A 9 11.05 8.57 -6.01
CA ARG A 9 11.38 7.92 -4.75
C ARG A 9 11.19 6.41 -4.86
N VAL A 10 12.15 5.66 -4.36
CA VAL A 10 12.09 4.20 -4.41
C VAL A 10 11.08 3.68 -3.39
N PRO A 11 10.29 2.67 -3.78
CA PRO A 11 9.29 2.08 -2.88
C PRO A 11 9.97 1.22 -1.82
N TYR A 12 9.22 0.89 -0.76
CA TYR A 12 9.77 0.08 0.33
C TYR A 12 10.04 -1.36 -0.11
N THR A 13 8.99 -2.09 -0.44
CA THR A 13 9.12 -3.47 -0.88
C THR A 13 7.93 -3.85 -1.75
N LYS A 14 8.19 -4.44 -2.90
CA LYS A 14 7.12 -4.84 -3.81
C LYS A 14 6.22 -5.90 -3.15
N VAL A 15 6.81 -6.73 -2.31
CA VAL A 15 6.05 -7.76 -1.61
C VAL A 15 5.08 -7.11 -0.62
N GLN A 16 5.52 -6.01 -0.01
CA GLN A 16 4.70 -5.30 0.95
C GLN A 16 3.54 -4.62 0.25
N LEU A 17 3.85 -3.95 -0.86
CA LEU A 17 2.84 -3.26 -1.66
C LEU A 17 1.83 -4.26 -2.19
N LYS A 18 2.30 -5.46 -2.52
CA LYS A 18 1.45 -6.51 -3.02
C LYS A 18 0.45 -6.95 -1.95
N GLU A 19 0.93 -7.15 -0.73
CA GLU A 19 0.07 -7.56 0.38
C GLU A 19 -0.99 -6.50 0.61
N LEU A 20 -0.57 -5.24 0.58
CA LEU A 20 -1.46 -4.11 0.78
C LEU A 20 -2.54 -4.09 -0.31
N GLU A 21 -2.12 -4.28 -1.55
CA GLU A 21 -3.06 -4.30 -2.68
C GLU A 21 -4.03 -5.47 -2.61
N ARG A 22 -3.52 -6.62 -2.20
CA ARG A 22 -4.33 -7.82 -2.10
C ARG A 22 -5.47 -7.65 -1.09
N GLU A 23 -5.11 -7.25 0.12
CA GLU A 23 -6.10 -7.05 1.18
C GLU A 23 -7.12 -5.98 0.78
N TYR A 24 -6.64 -4.95 0.09
CA TYR A 24 -7.51 -3.87 -0.35
C TYR A 24 -8.45 -4.34 -1.46
N ALA A 25 -7.91 -5.09 -2.42
CA ALA A 25 -8.70 -5.60 -3.53
C ALA A 25 -9.74 -6.62 -3.07
N THR A 26 -9.44 -7.27 -1.95
CA THR A 26 -10.35 -8.26 -1.38
C THR A 26 -11.63 -7.60 -0.85
N ASN A 27 -11.50 -6.36 -0.40
CA ASN A 27 -12.64 -5.61 0.13
C ASN A 27 -12.42 -4.11 0.04
N LYS A 28 -11.71 -3.57 1.03
CA LYS A 28 -11.41 -2.15 1.09
C LYS A 28 -10.51 -1.93 2.28
N PHE A 29 -10.92 -2.45 3.42
CA PHE A 29 -10.15 -2.34 4.64
C PHE A 29 -10.20 -3.66 5.39
N ILE A 30 -9.15 -3.95 6.14
CA ILE A 30 -9.10 -5.18 6.91
C ILE A 30 -9.31 -4.92 8.39
N THR A 31 -9.70 -5.95 9.11
CA THR A 31 -9.94 -5.83 10.53
C THR A 31 -8.63 -5.94 11.32
N LYS A 32 -8.70 -5.70 12.63
CA LYS A 32 -7.52 -5.75 13.48
C LYS A 32 -6.83 -7.10 13.43
N ASP A 33 -7.63 -8.17 13.47
CA ASP A 33 -7.11 -9.53 13.42
C ASP A 33 -6.44 -9.84 12.08
N LYS A 34 -6.90 -9.16 11.04
CA LYS A 34 -6.36 -9.36 9.70
C LYS A 34 -5.09 -8.55 9.47
N ARG A 35 -5.01 -7.37 10.08
CA ARG A 35 -3.84 -6.50 9.92
C ARG A 35 -2.63 -7.09 10.64
N ARG A 36 -2.89 -7.95 11.63
CA ARG A 36 -1.82 -8.59 12.38
C ARG A 36 -1.00 -9.52 11.48
N ARG A 37 -1.67 -10.06 10.46
CA ARG A 37 -1.03 -10.97 9.50
C ARG A 37 0.07 -10.24 8.75
N ILE A 38 -0.28 -9.08 8.19
CA ILE A 38 0.67 -8.27 7.43
C ILE A 38 1.82 -7.83 8.32
N SER A 39 1.49 -7.57 9.58
CA SER A 39 2.48 -7.16 10.56
C SER A 39 3.49 -8.27 10.84
N ALA A 40 3.15 -9.49 10.43
CA ALA A 40 4.04 -10.63 10.65
C ALA A 40 4.75 -11.04 9.36
N THR A 41 4.03 -11.06 8.25
CA THR A 41 4.62 -11.46 6.97
C THR A 41 5.66 -10.46 6.47
N THR A 42 5.26 -9.20 6.36
CA THR A 42 6.17 -8.16 5.90
C THR A 42 6.83 -7.44 7.07
N ASN A 43 6.43 -7.83 8.28
CA ASN A 43 6.95 -7.26 9.53
C ASN A 43 6.63 -5.78 9.67
N LEU A 44 5.59 -5.48 10.42
CA LEU A 44 5.15 -4.12 10.66
C LEU A 44 4.68 -3.96 12.10
N SER A 45 4.77 -2.74 12.61
CA SER A 45 4.37 -2.45 13.98
C SER A 45 2.87 -2.18 14.10
N GLU A 46 2.08 -2.85 13.25
CA GLU A 46 0.62 -2.71 13.23
C GLU A 46 0.17 -1.34 12.73
N ARG A 47 0.62 -0.29 13.41
CA ARG A 47 0.28 1.08 13.05
C ARG A 47 0.68 1.38 11.60
N GLN A 48 1.83 0.84 11.21
CA GLN A 48 2.34 1.05 9.86
C GLN A 48 1.44 0.43 8.79
N VAL A 49 0.63 -0.56 9.20
CA VAL A 49 -0.29 -1.20 8.27
C VAL A 49 -1.35 -0.19 7.84
N THR A 50 -1.87 0.54 8.82
CA THR A 50 -2.87 1.56 8.56
C THR A 50 -2.24 2.68 7.74
N ILE A 51 -0.99 2.98 8.05
CA ILE A 51 -0.22 4.01 7.38
C ILE A 51 -0.24 3.82 5.86
N TRP A 52 0.12 2.62 5.41
CA TRP A 52 0.13 2.33 3.97
C TRP A 52 -1.29 2.19 3.43
N PHE A 53 -2.22 1.73 4.26
CA PHE A 53 -3.61 1.56 3.84
C PHE A 53 -4.22 2.92 3.49
N GLN A 54 -3.95 3.91 4.33
CA GLN A 54 -4.45 5.25 4.11
C GLN A 54 -3.68 5.92 2.96
N ASN A 55 -2.38 5.61 2.90
CA ASN A 55 -1.51 6.18 1.88
C ASN A 55 -1.87 5.70 0.48
N ARG A 56 -2.44 4.49 0.40
CA ARG A 56 -2.83 3.92 -0.88
C ARG A 56 -3.88 4.79 -1.58
N ARG A 57 -4.67 5.50 -0.79
CA ARG A 57 -5.72 6.36 -1.33
C ARG A 57 -5.16 7.43 -2.27
N VAL A 58 -4.13 8.13 -1.83
CA VAL A 58 -3.51 9.16 -2.65
C VAL A 58 -2.66 8.54 -3.76
N LYS A 59 -2.05 7.40 -3.46
CA LYS A 59 -1.22 6.70 -4.43
C LYS A 59 -2.02 6.31 -5.67
N GLU A 60 -3.18 5.69 -5.46
CA GLU A 60 -4.02 5.27 -6.58
C GLU A 60 -4.68 6.47 -7.27
N LYS A 61 -4.84 7.55 -6.52
CA LYS A 61 -5.43 8.77 -7.06
C LYS A 61 -4.48 9.39 -8.09
N LYS A 62 -3.19 9.27 -7.80
CA LYS A 62 -2.14 9.79 -8.69
C LYS A 62 -2.19 9.09 -10.04
N VAL A 63 -2.63 7.82 -10.03
CA VAL A 63 -2.73 7.05 -11.26
C VAL A 63 -3.76 7.67 -12.20
N ILE A 64 -4.89 8.11 -11.63
CA ILE A 64 -5.94 8.73 -12.42
C ILE A 64 -5.49 10.11 -12.91
N ASN A 65 -4.67 10.77 -12.10
CA ASN A 65 -4.14 12.09 -12.43
C ASN A 65 -3.25 12.02 -13.66
N LYS A 66 -2.26 11.14 -13.61
CA LYS A 66 -1.31 10.98 -14.72
C LYS A 66 -1.92 10.21 -15.88
N LEU A 67 -3.13 9.69 -15.69
CA LEU A 67 -3.81 8.92 -16.74
C LEU A 67 -4.26 9.82 -17.88
N LYS A 68 -4.66 11.04 -17.54
CA LYS A 68 -5.14 12.00 -18.53
C LYS A 68 -4.06 12.43 -19.51
N THR A 69 -2.87 12.74 -18.99
CA THR A 69 -1.74 13.17 -19.82
C THR A 69 -2.13 14.33 -20.75
N THR A 70 -2.22 15.53 -20.18
CA THR A 70 -2.61 16.70 -20.94
C THR A 70 -1.82 17.93 -20.47
N SER A 71 -0.57 17.70 -20.13
CA SER A 71 0.32 18.75 -19.64
C SER A 71 0.74 19.69 -20.78
N GLY A 5 18.37 2.24 -14.18
CA GLY A 5 18.13 3.65 -14.58
C GLY A 5 16.66 4.00 -14.50
N ARG A 6 16.36 5.29 -14.67
CA ARG A 6 14.99 5.78 -14.63
C ARG A 6 14.35 5.56 -13.26
N LYS A 7 15.10 5.86 -12.21
CA LYS A 7 14.60 5.70 -10.85
C LYS A 7 14.21 7.04 -10.24
N LYS A 8 13.48 6.98 -9.13
CA LYS A 8 13.02 8.18 -8.44
C LYS A 8 13.01 7.92 -6.94
N ARG A 9 12.15 8.64 -6.22
CA ARG A 9 12.02 8.49 -4.77
C ARG A 9 11.77 7.02 -4.43
N VAL A 10 12.70 6.42 -3.70
CA VAL A 10 12.59 5.01 -3.32
C VAL A 10 11.58 4.83 -2.21
N PRO A 11 10.79 3.74 -2.27
CA PRO A 11 9.80 3.43 -1.25
C PRO A 11 10.44 2.70 -0.06
N TYR A 12 9.65 2.52 1.00
CA TYR A 12 10.13 1.83 2.20
C TYR A 12 10.77 0.49 1.87
N THR A 13 9.97 -0.47 1.43
CA THR A 13 10.46 -1.80 1.09
C THR A 13 9.56 -2.46 0.06
N LYS A 14 10.17 -3.10 -0.93
CA LYS A 14 9.43 -3.78 -1.99
C LYS A 14 8.59 -4.94 -1.44
N VAL A 15 9.16 -5.67 -0.48
CA VAL A 15 8.44 -6.79 0.12
C VAL A 15 7.25 -6.30 0.95
N GLN A 16 7.36 -5.08 1.45
CA GLN A 16 6.29 -4.47 2.24
C GLN A 16 5.11 -4.17 1.34
N LEU A 17 5.40 -3.58 0.19
CA LEU A 17 4.37 -3.24 -0.78
C LEU A 17 3.71 -4.51 -1.32
N LYS A 18 4.53 -5.53 -1.57
CA LYS A 18 4.03 -6.79 -2.08
C LYS A 18 3.07 -7.44 -1.09
N GLU A 19 3.41 -7.37 0.20
CA GLU A 19 2.57 -7.92 1.25
C GLU A 19 1.23 -7.20 1.30
N LEU A 20 1.29 -5.87 1.25
CA LEU A 20 0.10 -5.04 1.28
C LEU A 20 -0.79 -5.40 0.08
N GLU A 21 -0.15 -5.60 -1.07
CA GLU A 21 -0.86 -5.96 -2.30
C GLU A 21 -1.64 -7.27 -2.14
N ARG A 22 -1.03 -8.24 -1.48
CA ARG A 22 -1.66 -9.54 -1.28
C ARG A 22 -2.93 -9.42 -0.43
N GLU A 23 -2.83 -8.69 0.68
CA GLU A 23 -3.95 -8.49 1.59
C GLU A 23 -5.05 -7.68 0.90
N TYR A 24 -4.64 -6.68 0.13
CA TYR A 24 -5.57 -5.83 -0.59
C TYR A 24 -6.32 -6.61 -1.67
N ALA A 25 -5.63 -7.58 -2.26
CA ALA A 25 -6.22 -8.42 -3.30
C ALA A 25 -7.25 -9.38 -2.74
N THR A 26 -7.21 -9.60 -1.43
CA THR A 26 -8.14 -10.50 -0.77
C THR A 26 -9.52 -9.84 -0.64
N ASN A 27 -9.52 -8.53 -0.36
CA ASN A 27 -10.75 -7.77 -0.22
C ASN A 27 -10.49 -6.31 -0.53
N LYS A 28 -9.89 -5.62 0.42
CA LYS A 28 -9.54 -4.21 0.30
C LYS A 28 -8.93 -3.74 1.60
N PHE A 29 -9.65 -4.00 2.69
CA PHE A 29 -9.19 -3.63 4.02
C PHE A 29 -9.28 -4.84 4.95
N ILE A 30 -8.45 -4.86 5.97
CA ILE A 30 -8.44 -5.97 6.91
C ILE A 30 -8.87 -5.52 8.30
N THR A 31 -8.87 -6.46 9.25
CA THR A 31 -9.25 -6.17 10.62
C THR A 31 -8.03 -5.80 11.44
N LYS A 32 -8.25 -5.29 12.66
CA LYS A 32 -7.16 -4.93 13.53
C LYS A 32 -6.34 -6.17 13.90
N ASP A 33 -7.05 -7.27 14.12
CA ASP A 33 -6.41 -8.54 14.46
C ASP A 33 -5.55 -9.02 13.29
N LYS A 34 -6.05 -8.80 12.08
CA LYS A 34 -5.34 -9.22 10.87
C LYS A 34 -4.17 -8.29 10.56
N ARG A 35 -4.33 -7.00 10.88
CA ARG A 35 -3.28 -6.01 10.61
C ARG A 35 -2.03 -6.29 11.44
N ARG A 36 -2.23 -6.96 12.57
CA ARG A 36 -1.12 -7.30 13.46
C ARG A 36 -0.09 -8.17 12.76
N ARG A 37 -0.56 -8.98 11.80
CA ARG A 37 0.33 -9.85 11.04
C ARG A 37 1.32 -9.02 10.25
N ILE A 38 0.80 -8.16 9.37
CA ILE A 38 1.65 -7.31 8.54
C ILE A 38 2.50 -6.40 9.41
N SER A 39 1.90 -5.91 10.49
CA SER A 39 2.60 -5.02 11.41
C SER A 39 3.82 -5.70 12.01
N ALA A 40 3.69 -6.96 12.36
CA ALA A 40 4.80 -7.71 12.93
C ALA A 40 5.87 -7.99 11.88
N THR A 41 5.43 -8.26 10.66
CA THR A 41 6.33 -8.56 9.55
C THR A 41 7.11 -7.32 9.11
N THR A 42 6.50 -6.15 9.23
CA THR A 42 7.14 -4.90 8.82
C THR A 42 7.68 -4.12 10.01
N ASN A 43 7.50 -4.67 11.22
CA ASN A 43 7.95 -4.02 12.46
C ASN A 43 7.28 -2.66 12.62
N LEU A 44 5.99 -2.62 12.34
CA LEU A 44 5.21 -1.40 12.44
C LEU A 44 4.41 -1.37 13.74
N SER A 45 3.92 -0.19 14.10
CA SER A 45 3.15 -0.01 15.32
C SER A 45 1.64 -0.07 15.06
N GLU A 46 1.23 -0.81 14.04
CA GLU A 46 -0.18 -0.97 13.66
C GLU A 46 -0.75 0.31 13.04
N ARG A 47 -0.49 1.44 13.67
CA ARG A 47 -0.96 2.74 13.18
C ARG A 47 -0.49 2.99 11.75
N GLN A 48 0.82 2.86 11.53
CA GLN A 48 1.41 3.08 10.22
C GLN A 48 0.92 2.10 9.17
N VAL A 49 0.70 0.84 9.57
CA VAL A 49 0.23 -0.17 8.62
C VAL A 49 -1.17 0.17 8.10
N THR A 50 -1.94 0.85 8.93
CA THR A 50 -3.29 1.26 8.56
C THR A 50 -3.21 2.43 7.59
N ILE A 51 -2.19 3.26 7.79
CA ILE A 51 -1.98 4.44 6.94
C ILE A 51 -1.58 4.01 5.53
N TRP A 52 -0.70 3.03 5.42
CA TRP A 52 -0.26 2.55 4.12
C TRP A 52 -1.39 1.96 3.29
N PHE A 53 -2.44 1.52 3.96
CA PHE A 53 -3.60 0.97 3.26
C PHE A 53 -4.26 2.08 2.44
N GLN A 54 -4.28 3.27 3.03
CA GLN A 54 -4.85 4.43 2.38
C GLN A 54 -3.84 4.99 1.38
N ASN A 55 -2.57 4.96 1.78
CA ASN A 55 -1.48 5.43 0.94
C ASN A 55 -1.40 4.64 -0.36
N ARG A 56 -1.75 3.36 -0.28
CA ARG A 56 -1.75 2.51 -1.45
C ARG A 56 -2.78 2.99 -2.46
N ARG A 57 -3.91 3.47 -1.95
CA ARG A 57 -5.00 3.97 -2.78
C ARG A 57 -4.61 5.26 -3.49
N VAL A 58 -3.81 6.08 -2.83
CA VAL A 58 -3.38 7.34 -3.43
C VAL A 58 -2.17 7.09 -4.35
N LYS A 59 -1.45 6.01 -4.09
CA LYS A 59 -0.28 5.66 -4.89
C LYS A 59 -0.72 5.21 -6.28
N GLU A 60 -1.73 4.34 -6.33
CA GLU A 60 -2.24 3.85 -7.61
C GLU A 60 -2.86 4.99 -8.42
N LYS A 61 -3.39 5.97 -7.70
CA LYS A 61 -3.99 7.15 -8.31
C LYS A 61 -2.95 7.89 -9.15
N LYS A 62 -1.74 7.97 -8.61
CA LYS A 62 -0.64 8.64 -9.28
C LYS A 62 -0.21 7.83 -10.50
N VAL A 63 -0.24 6.51 -10.38
CA VAL A 63 0.14 5.62 -11.48
C VAL A 63 -0.76 5.87 -12.69
N ILE A 64 -2.06 5.90 -12.46
CA ILE A 64 -3.03 6.14 -13.53
C ILE A 64 -2.83 7.54 -14.11
N ASN A 65 -2.55 8.50 -13.24
CA ASN A 65 -2.34 9.89 -13.63
C ASN A 65 -1.19 10.01 -14.64
N LYS A 66 -0.10 9.31 -14.37
CA LYS A 66 1.07 9.35 -15.25
C LYS A 66 0.92 8.43 -16.46
N LEU A 67 0.09 7.39 -16.32
CA LEU A 67 -0.14 6.45 -17.40
C LEU A 67 -0.76 7.14 -18.62
N LYS A 68 -1.44 8.24 -18.37
CA LYS A 68 -2.08 9.02 -19.42
C LYS A 68 -1.07 9.47 -20.47
N THR A 69 0.14 9.81 -20.00
CA THR A 69 1.23 10.25 -20.88
C THR A 69 0.80 11.40 -21.80
N THR A 70 0.49 12.53 -21.20
CA THR A 70 0.07 13.71 -21.95
C THR A 70 0.88 14.93 -21.51
N SER A 71 1.93 14.68 -20.76
CA SER A 71 2.79 15.74 -20.26
C SER A 71 3.90 16.03 -21.27
N GLY A 5 12.48 0.81 -14.26
CA GLY A 5 13.17 2.08 -13.92
C GLY A 5 12.24 3.27 -14.03
N ARG A 6 12.82 4.45 -14.26
CA ARG A 6 12.06 5.69 -14.41
C ARG A 6 11.35 6.12 -13.11
N LYS A 7 11.67 5.44 -12.02
CA LYS A 7 11.06 5.74 -10.74
C LYS A 7 11.82 6.89 -10.07
N LYS A 8 11.09 7.75 -9.39
CA LYS A 8 11.72 8.88 -8.71
C LYS A 8 12.11 8.50 -7.29
N ARG A 9 11.26 8.83 -6.32
CA ARG A 9 11.54 8.53 -4.93
C ARG A 9 11.47 7.02 -4.68
N VAL A 10 12.31 6.54 -3.80
CA VAL A 10 12.35 5.12 -3.48
C VAL A 10 11.28 4.77 -2.45
N PRO A 11 10.58 3.64 -2.64
CA PRO A 11 9.54 3.18 -1.74
C PRO A 11 10.10 2.39 -0.56
N TYR A 12 9.22 1.91 0.31
CA TYR A 12 9.61 1.14 1.48
C TYR A 12 9.90 -0.32 1.11
N THR A 13 9.60 -1.23 2.03
CA THR A 13 9.82 -2.65 1.82
C THR A 13 8.86 -3.20 0.76
N LYS A 14 9.43 -3.79 -0.29
CA LYS A 14 8.64 -4.35 -1.39
C LYS A 14 7.65 -5.42 -0.93
N VAL A 15 8.06 -6.20 0.08
CA VAL A 15 7.20 -7.27 0.59
C VAL A 15 5.96 -6.70 1.29
N GLN A 16 6.06 -5.44 1.70
CA GLN A 16 4.96 -4.77 2.39
C GLN A 16 3.86 -4.43 1.39
N LEU A 17 4.24 -3.78 0.30
CA LEU A 17 3.30 -3.39 -0.74
C LEU A 17 2.71 -4.62 -1.41
N LYS A 18 3.53 -5.66 -1.54
CA LYS A 18 3.11 -6.92 -2.15
C LYS A 18 1.91 -7.50 -1.41
N GLU A 19 1.99 -7.53 -0.09
CA GLU A 19 0.91 -8.06 0.74
C GLU A 19 -0.20 -7.02 0.90
N LEU A 20 0.18 -5.74 0.93
CA LEU A 20 -0.78 -4.66 1.07
C LEU A 20 -1.79 -4.69 -0.08
N GLU A 21 -1.28 -4.85 -1.29
CA GLU A 21 -2.13 -4.92 -2.47
C GLU A 21 -2.99 -6.18 -2.46
N ARG A 22 -2.47 -7.24 -1.84
CA ARG A 22 -3.18 -8.50 -1.74
C ARG A 22 -4.41 -8.36 -0.85
N GLU A 23 -4.20 -7.78 0.33
CA GLU A 23 -5.29 -7.56 1.28
C GLU A 23 -6.31 -6.57 0.71
N TYR A 24 -5.80 -5.57 -0.01
CA TYR A 24 -6.64 -4.56 -0.64
C TYR A 24 -7.53 -5.19 -1.70
N ALA A 25 -6.94 -6.09 -2.49
CA ALA A 25 -7.66 -6.77 -3.55
C ALA A 25 -8.72 -7.72 -2.99
N THR A 26 -8.54 -8.09 -1.72
CA THR A 26 -9.48 -8.96 -1.05
C THR A 26 -10.79 -8.23 -0.74
N ASN A 27 -10.71 -6.91 -0.59
CA ASN A 27 -11.89 -6.09 -0.30
C ASN A 27 -11.56 -4.61 -0.41
N LYS A 28 -10.85 -4.09 0.60
CA LYS A 28 -10.46 -2.69 0.67
C LYS A 28 -9.68 -2.49 1.96
N PHE A 29 -10.32 -2.86 3.06
CA PHE A 29 -9.71 -2.74 4.37
C PHE A 29 -10.05 -3.99 5.18
N ILE A 30 -9.03 -4.61 5.73
CA ILE A 30 -9.22 -5.83 6.51
C ILE A 30 -9.42 -5.52 8.01
N THR A 31 -9.56 -6.56 8.81
CA THR A 31 -9.77 -6.40 10.24
C THR A 31 -8.46 -6.07 10.95
N LYS A 32 -8.54 -5.77 12.25
CA LYS A 32 -7.37 -5.45 13.04
C LYS A 32 -6.51 -6.69 13.20
N ASP A 33 -7.16 -7.85 13.29
CA ASP A 33 -6.46 -9.12 13.42
C ASP A 33 -5.71 -9.42 12.12
N LYS A 34 -6.30 -9.01 11.00
CA LYS A 34 -5.69 -9.21 9.70
C LYS A 34 -4.53 -8.25 9.50
N ARG A 35 -4.70 -7.00 9.94
CA ARG A 35 -3.66 -6.00 9.81
C ARG A 35 -2.48 -6.37 10.71
N ARG A 36 -2.78 -7.05 11.81
CA ARG A 36 -1.76 -7.48 12.75
C ARG A 36 -0.84 -8.51 12.08
N ARG A 37 -1.43 -9.32 11.20
CA ARG A 37 -0.68 -10.33 10.46
C ARG A 37 0.38 -9.65 9.60
N ILE A 38 -0.03 -8.62 8.88
CA ILE A 38 0.88 -7.87 8.02
C ILE A 38 1.89 -7.11 8.88
N SER A 39 1.39 -6.49 9.94
CA SER A 39 2.21 -5.73 10.87
C SER A 39 3.34 -6.57 11.46
N ALA A 40 3.02 -7.80 11.86
CA ALA A 40 4.00 -8.69 12.44
C ALA A 40 4.98 -9.21 11.40
N THR A 41 4.62 -9.07 10.12
CA THR A 41 5.49 -9.51 9.04
C THR A 41 6.53 -8.44 8.69
N THR A 42 6.12 -7.18 8.74
CA THR A 42 7.01 -6.08 8.42
C THR A 42 7.58 -5.44 9.69
N ASN A 43 7.22 -6.00 10.84
CA ASN A 43 7.68 -5.51 12.14
C ASN A 43 7.20 -4.09 12.41
N LEU A 44 5.92 -3.85 12.15
CA LEU A 44 5.33 -2.54 12.37
C LEU A 44 4.47 -2.56 13.63
N SER A 45 3.94 -1.40 13.99
CA SER A 45 3.10 -1.30 15.18
C SER A 45 1.65 -0.97 14.84
N GLU A 46 1.13 -1.64 13.80
CA GLU A 46 -0.27 -1.48 13.36
C GLU A 46 -0.59 -0.10 12.75
N ARG A 47 -0.27 0.97 13.47
CA ARG A 47 -0.55 2.33 13.03
C ARG A 47 -0.07 2.59 11.60
N GLN A 48 1.23 2.47 11.39
CA GLN A 48 1.83 2.72 10.09
C GLN A 48 1.30 1.77 9.01
N VAL A 49 1.06 0.52 9.37
CA VAL A 49 0.56 -0.46 8.41
C VAL A 49 -0.85 -0.12 7.94
N THR A 50 -1.60 0.57 8.79
CA THR A 50 -2.96 0.97 8.46
C THR A 50 -2.92 2.17 7.53
N ILE A 51 -1.99 3.09 7.77
CA ILE A 51 -1.83 4.28 6.96
C ILE A 51 -1.55 3.92 5.50
N TRP A 52 -0.81 2.84 5.29
CA TRP A 52 -0.49 2.40 3.94
C TRP A 52 -1.73 1.98 3.16
N PHE A 53 -2.79 1.63 3.88
CA PHE A 53 -4.04 1.25 3.22
C PHE A 53 -4.67 2.47 2.56
N GLN A 54 -4.58 3.61 3.25
CA GLN A 54 -5.10 4.86 2.71
C GLN A 54 -4.13 5.39 1.66
N ASN A 55 -2.85 5.14 1.90
CA ASN A 55 -1.78 5.56 1.00
C ASN A 55 -1.92 4.83 -0.34
N ARG A 56 -2.54 3.66 -0.30
CA ARG A 56 -2.76 2.88 -1.49
C ARG A 56 -3.67 3.62 -2.45
N ARG A 57 -4.65 4.33 -1.89
CA ARG A 57 -5.59 5.10 -2.69
C ARG A 57 -4.88 6.24 -3.41
N VAL A 58 -3.84 6.76 -2.78
CA VAL A 58 -3.05 7.83 -3.36
C VAL A 58 -2.25 7.31 -4.54
N LYS A 59 -1.76 6.07 -4.40
CA LYS A 59 -0.97 5.44 -5.45
C LYS A 59 -1.78 5.25 -6.73
N GLU A 60 -2.96 4.63 -6.61
CA GLU A 60 -3.81 4.41 -7.76
C GLU A 60 -4.23 5.73 -8.41
N LYS A 61 -4.54 6.72 -7.58
CA LYS A 61 -4.94 8.04 -8.05
C LYS A 61 -3.81 8.66 -8.86
N LYS A 62 -2.59 8.54 -8.34
CA LYS A 62 -1.41 9.08 -9.01
C LYS A 62 -1.17 8.42 -10.37
N VAL A 63 -1.30 7.10 -10.41
CA VAL A 63 -1.08 6.35 -11.65
C VAL A 63 -2.10 6.78 -12.72
N ILE A 64 -3.35 6.93 -12.32
CA ILE A 64 -4.43 7.32 -13.23
C ILE A 64 -4.15 8.70 -13.86
N ASN A 65 -3.54 9.58 -13.09
CA ASN A 65 -3.24 10.93 -13.58
C ASN A 65 -2.01 10.95 -14.48
N LYS A 66 -1.01 10.15 -14.15
CA LYS A 66 0.22 10.09 -14.93
C LYS A 66 0.04 9.35 -16.24
N LEU A 67 -0.85 8.37 -16.25
CA LEU A 67 -1.11 7.56 -17.44
C LEU A 67 -1.67 8.37 -18.60
N LYS A 68 -2.08 9.60 -18.33
CA LYS A 68 -2.61 10.48 -19.36
C LYS A 68 -1.48 10.96 -20.27
N THR A 69 -0.33 11.30 -19.66
CA THR A 69 0.84 11.76 -20.40
C THR A 69 0.50 12.94 -21.32
N THR A 70 0.29 14.11 -20.72
CA THR A 70 -0.06 15.30 -21.46
C THR A 70 0.78 16.50 -21.01
N SER A 71 1.95 16.21 -20.47
CA SER A 71 2.85 17.25 -20.00
C SER A 71 4.25 17.01 -20.55
#